data_6YID
#
_entry.id   6YID
#
_cell.length_a   75.968
_cell.length_b   76.526
_cell.length_c   95.244
_cell.angle_alpha   90.000
_cell.angle_beta   97.030
_cell.angle_gamma   90.000
#
_symmetry.space_group_name_H-M   'P 1 21 1'
#
loop_
_entity.id
_entity.type
_entity.pdbx_description
1 polymer 'Serine/threonine-protein kinase ULK2'
2 non-polymer '2-({5-bromo-2-[(3,4,5-trimethoxyphenyl)amino]pyrimidin-4-yl}oxy)-N-methylbenzene-1-carboximidic acid'
3 water water
#
_entity_poly.entity_id   1
_entity_poly.type   'polypeptide(L)'
_entity_poly.pdbx_seq_one_letter_code
;GGGSMEVVGDFEYSKRDLVGHGAFAVVFRGRHRQKTDWEVAIKSINKKNLSKSQILLGKEIKILKELQHENIVALYDVQE
LPNSVFLVMEYCNGGDLADYLQAKGTLSEDTIRVFLHQIAAAMRILHSKGIIHRDLKPQNILLSYANRRKSSVSGIRIKI
ADFGFARYLHSNMMAADLCGSPMYMAPEVIMSQHYDAKADLWSIGTVIYQCLVGKPPFQANSPQDLRMFYEKNRSLMPSI
PRETSPYLANLLLGLLQRNQKDRMDFEAFFSHPFLEQGPV
;
_entity_poly.pdbx_strand_id   A,B,C,D
#
loop_
_chem_comp.id
_chem_comp.type
_chem_comp.name
_chem_comp.formula
EDJ non-polymer '2-({5-bromo-2-[(3,4,5-trimethoxyphenyl)amino]pyrimidin-4-yl}oxy)-N-methylbenzene-1-carboximidic acid' 'C21 H21 Br N4 O5'
#
# COMPACT_ATOMS: atom_id res chain seq x y z
N SER A 4 -31.93 39.51 -2.88
CA SER A 4 -30.44 39.69 -2.78
C SER A 4 -29.77 38.35 -2.48
N MET A 5 -28.98 37.85 -3.45
CA MET A 5 -28.18 36.64 -3.30
C MET A 5 -26.71 37.06 -3.31
N GLU A 6 -25.89 36.39 -2.49
CA GLU A 6 -24.45 36.55 -2.48
C GLU A 6 -23.85 35.61 -3.54
N VAL A 7 -22.87 36.12 -4.26
CA VAL A 7 -22.31 35.44 -5.37
C VAL A 7 -20.94 34.88 -4.98
N VAL A 8 -20.70 33.63 -5.36
CA VAL A 8 -19.44 32.95 -5.14
C VAL A 8 -19.08 32.21 -6.44
N GLY A 9 -18.17 32.80 -7.23
CA GLY A 9 -17.91 32.35 -8.58
C GLY A 9 -19.21 32.12 -9.32
N ASP A 10 -19.41 30.89 -9.85
CA ASP A 10 -20.57 30.55 -10.66
C ASP A 10 -21.77 30.11 -9.80
N PHE A 11 -21.64 30.25 -8.47
CA PHE A 11 -22.67 29.83 -7.53
C PHE A 11 -23.20 31.05 -6.77
N GLU A 12 -24.33 30.88 -6.10
CA GLU A 12 -24.94 31.93 -5.31
C GLU A 12 -25.67 31.30 -4.12
N TYR A 13 -25.93 32.11 -3.09
CA TYR A 13 -26.65 31.68 -1.91
C TYR A 13 -27.30 32.89 -1.23
N SER A 14 -28.32 32.59 -0.43
CA SER A 14 -28.98 33.51 0.44
C SER A 14 -28.54 33.23 1.88
N LYS A 15 -28.32 34.31 2.65
CA LYS A 15 -27.86 34.24 4.04
C LYS A 15 -28.96 33.65 4.93
N ARG A 16 -30.21 33.66 4.44
CA ARG A 16 -31.32 33.04 5.14
C ARG A 16 -31.12 31.52 5.22
N ASP A 17 -30.47 30.94 4.21
CA ASP A 17 -30.42 29.50 4.03
C ASP A 17 -29.18 28.93 4.73
N LEU A 18 -29.10 29.19 6.04
CA LEU A 18 -28.02 28.74 6.89
C LEU A 18 -28.18 27.24 7.18
N VAL A 19 -27.07 26.50 7.10
CA VAL A 19 -27.08 25.06 7.39
C VAL A 19 -26.54 24.84 8.80
N GLY A 20 -25.41 25.48 9.12
CA GLY A 20 -24.81 25.43 10.44
C GLY A 20 -23.45 26.09 10.47
N HIS A 21 -22.67 25.78 11.50
CA HIS A 21 -21.37 26.42 11.73
C HIS A 21 -20.30 25.34 11.94
N GLY A 22 -19.05 25.68 11.60
CA GLY A 22 -17.87 25.08 12.21
C GLY A 22 -17.31 26.00 13.27
N ALA A 23 -16.09 25.73 13.70
CA ALA A 23 -15.39 26.62 14.62
C ALA A 23 -15.04 27.93 13.89
N PHE A 24 -14.70 27.82 12.59
CA PHE A 24 -14.15 28.94 11.82
C PHE A 24 -15.00 29.24 10.58
N ALA A 25 -15.97 28.37 10.27
CA ALA A 25 -16.70 28.39 9.03
C ALA A 25 -18.21 28.56 9.30
N VAL A 26 -18.89 29.26 8.38
CA VAL A 26 -20.34 29.26 8.30
C VAL A 26 -20.74 28.57 7.01
N VAL A 27 -21.80 27.77 7.03
CA VAL A 27 -22.19 26.96 5.88
C VAL A 27 -23.63 27.28 5.47
N PHE A 28 -23.79 27.58 4.17
CA PHE A 28 -25.07 27.92 3.58
C PHE A 28 -25.43 26.94 2.46
N ARG A 29 -26.74 26.74 2.26
CA ARG A 29 -27.31 26.03 1.12
C ARG A 29 -27.33 27.03 -0.05
N GLY A 30 -26.81 26.62 -1.19
CA GLY A 30 -26.71 27.48 -2.35
C GLY A 30 -27.06 26.72 -3.61
N ARG A 31 -26.83 27.34 -4.76
CA ARG A 31 -27.05 26.70 -6.03
C ARG A 31 -26.12 27.31 -7.08
N HIS A 32 -25.95 26.57 -8.18
CA HIS A 32 -25.35 27.09 -9.40
C HIS A 32 -26.27 28.17 -9.97
N ARG A 33 -25.67 29.16 -10.62
CA ARG A 33 -26.39 30.34 -11.08
C ARG A 33 -27.15 30.03 -12.37
N GLN A 34 -26.65 29.17 -13.23
CA GLN A 34 -27.39 28.73 -14.44
C GLN A 34 -28.18 27.45 -14.15
N LYS A 35 -27.49 26.42 -13.66
CA LYS A 35 -28.08 25.14 -13.34
C LYS A 35 -28.63 25.19 -11.91
N THR A 36 -29.77 25.85 -11.75
CA THR A 36 -30.27 26.25 -10.42
C THR A 36 -30.82 25.04 -9.66
N ASP A 37 -30.99 23.90 -10.34
CA ASP A 37 -31.45 22.65 -9.70
C ASP A 37 -30.28 22.01 -8.92
N TRP A 38 -29.05 22.42 -9.24
CA TRP A 38 -27.83 21.91 -8.63
C TRP A 38 -27.57 22.61 -7.29
N GLU A 39 -27.88 21.91 -6.18
CA GLU A 39 -27.72 22.46 -4.86
C GLU A 39 -26.29 22.21 -4.39
N VAL A 40 -25.74 23.18 -3.66
CA VAL A 40 -24.43 23.09 -3.13
C VAL A 40 -24.41 23.63 -1.70
N ALA A 41 -23.44 23.16 -0.93
CA ALA A 41 -23.08 23.75 0.35
C ALA A 41 -21.92 24.72 0.13
N ILE A 42 -22.05 25.92 0.67
CA ILE A 42 -21.01 26.90 0.56
C ILE A 42 -20.49 27.26 1.96
N LYS A 43 -19.23 26.89 2.25
CA LYS A 43 -18.57 27.24 3.50
C LYS A 43 -17.84 28.56 3.35
N SER A 44 -18.16 29.53 4.23
CA SER A 44 -17.42 30.76 4.35
C SER A 44 -16.48 30.67 5.54
N ILE A 45 -15.20 30.96 5.32
CA ILE A 45 -14.14 30.83 6.31
C ILE A 45 -13.35 32.14 6.38
N ASN A 46 -13.41 32.83 7.52
CA ASN A 46 -12.65 34.06 7.71
C ASN A 46 -11.14 33.74 7.69
N LYS A 47 -10.37 34.47 6.90
CA LYS A 47 -8.93 34.19 6.67
C LYS A 47 -8.09 34.54 7.90
N LYS A 48 -8.47 35.62 8.61
CA LYS A 48 -7.71 36.08 9.77
C LYS A 48 -7.94 35.13 10.96
N ASN A 49 -9.17 34.66 11.17
CA ASN A 49 -9.45 33.71 12.23
C ASN A 49 -8.65 32.44 11.98
N LEU A 50 -8.64 32.02 10.71
CA LEU A 50 -8.02 30.78 10.32
C LEU A 50 -6.50 30.84 10.54
N SER A 51 -5.91 32.02 10.36
CA SER A 51 -4.47 32.22 10.49
C SER A 51 -4.06 32.26 11.98
N LYS A 52 -5.04 32.33 12.90
CA LYS A 52 -4.77 32.27 14.35
C LYS A 52 -5.05 30.86 14.89
N SER A 53 -5.40 29.93 13.99
CA SER A 53 -5.70 28.55 14.35
C SER A 53 -4.57 27.63 13.85
N GLN A 54 -4.68 26.35 14.16
CA GLN A 54 -3.77 25.39 13.66
C GLN A 54 -4.41 24.59 12.52
N ILE A 55 -5.49 25.12 11.94
CA ILE A 55 -6.19 24.45 10.86
C ILE A 55 -5.38 24.60 9.56
N LEU A 56 -5.20 23.48 8.85
CA LEU A 56 -4.57 23.42 7.57
C LEU A 56 -5.63 23.21 6.48
N LEU A 57 -6.21 24.31 6.03
CA LEU A 57 -7.24 24.29 5.03
C LEU A 57 -6.64 23.81 3.69
N GLY A 58 -5.41 24.25 3.41
CA GLY A 58 -4.66 23.82 2.26
C GLY A 58 -4.64 22.30 2.14
N LYS A 59 -4.45 21.62 3.27
CA LYS A 59 -4.43 20.17 3.31
C LYS A 59 -5.81 19.59 3.00
N GLU A 60 -6.87 20.12 3.65
CA GLU A 60 -8.22 19.64 3.43
CA GLU A 60 -8.23 19.63 3.43
C GLU A 60 -8.57 19.76 1.94
N ILE A 61 -8.17 20.88 1.33
CA ILE A 61 -8.47 21.15 -0.07
C ILE A 61 -7.70 20.18 -0.97
N LYS A 62 -6.43 19.96 -0.65
CA LYS A 62 -5.58 19.08 -1.44
C LYS A 62 -6.15 17.67 -1.41
N ILE A 63 -6.63 17.24 -0.25
CA ILE A 63 -7.14 15.89 -0.07
C ILE A 63 -8.50 15.74 -0.77
N LEU A 64 -9.37 16.75 -0.64
CA LEU A 64 -10.68 16.71 -1.28
C LEU A 64 -10.54 16.68 -2.82
N LYS A 65 -9.58 17.42 -3.37
CA LYS A 65 -9.32 17.46 -4.82
C LYS A 65 -8.86 16.07 -5.30
N GLU A 66 -8.03 15.42 -4.48
CA GLU A 66 -7.44 14.15 -4.82
C GLU A 66 -8.53 13.07 -4.85
N LEU A 67 -9.54 13.22 -3.99
CA LEU A 67 -10.64 12.28 -3.91
C LEU A 67 -11.76 12.71 -4.86
N GLN A 68 -12.31 11.74 -5.60
CA GLN A 68 -13.43 11.99 -6.44
C GLN A 68 -14.26 10.72 -6.49
N HIS A 69 -15.24 10.64 -5.60
CA HIS A 69 -15.96 9.45 -5.35
C HIS A 69 -17.34 9.81 -4.82
N GLU A 70 -18.32 8.97 -5.13
CA GLU A 70 -19.73 9.23 -4.84
C GLU A 70 -20.00 9.13 -3.33
N ASN A 71 -19.07 8.54 -2.57
CA ASN A 71 -19.23 8.33 -1.12
C ASN A 71 -18.25 9.21 -0.35
N ILE A 72 -17.70 10.22 -1.04
CA ILE A 72 -16.84 11.22 -0.43
C ILE A 72 -17.32 12.59 -0.88
N VAL A 73 -17.55 13.48 0.08
CA VAL A 73 -18.16 14.74 -0.16
C VAL A 73 -17.32 15.47 -1.22
N ALA A 74 -18.01 15.94 -2.28
CA ALA A 74 -17.39 16.58 -3.40
C ALA A 74 -17.01 18.03 -3.04
N LEU A 75 -15.83 18.46 -3.48
CA LEU A 75 -15.46 19.87 -3.55
C LEU A 75 -15.49 20.29 -5.02
N TYR A 76 -16.29 21.31 -5.34
CA TYR A 76 -16.45 21.78 -6.71
C TYR A 76 -15.56 22.99 -7.00
N ASP A 77 -15.32 23.84 -6.01
CA ASP A 77 -14.68 25.10 -6.26
C ASP A 77 -14.19 25.73 -4.96
N VAL A 78 -13.12 26.52 -5.13
CA VAL A 78 -12.54 27.33 -4.06
C VAL A 78 -12.44 28.77 -4.58
N GLN A 79 -13.04 29.72 -3.87
CA GLN A 79 -12.95 31.13 -4.20
C GLN A 79 -12.32 31.84 -3.01
N GLU A 80 -11.26 32.61 -3.32
CA GLU A 80 -10.53 33.37 -2.37
C GLU A 80 -10.88 34.85 -2.56
N LEU A 81 -11.48 35.45 -1.52
CA LEU A 81 -11.58 36.91 -1.40
C LEU A 81 -10.51 37.39 -0.43
N PRO A 82 -10.28 38.73 -0.27
CA PRO A 82 -9.23 39.21 0.62
C PRO A 82 -9.52 38.90 2.10
N ASN A 83 -10.81 38.87 2.47
CA ASN A 83 -11.31 38.60 3.83
C ASN A 83 -11.47 37.10 4.10
N SER A 84 -11.99 36.36 3.11
CA SER A 84 -12.64 35.04 3.33
C SER A 84 -12.19 34.03 2.26
N VAL A 85 -12.36 32.74 2.58
CA VAL A 85 -12.26 31.68 1.61
C VAL A 85 -13.61 30.97 1.56
N PHE A 86 -14.04 30.63 0.35
CA PHE A 86 -15.28 29.97 0.12
C PHE A 86 -15.00 28.60 -0.49
N LEU A 87 -15.58 27.57 0.14
CA LEU A 87 -15.58 26.22 -0.41
C LEU A 87 -16.99 25.91 -0.91
N VAL A 88 -17.10 25.57 -2.19
CA VAL A 88 -18.36 25.12 -2.75
C VAL A 88 -18.32 23.60 -2.81
N MET A 89 -19.23 22.97 -2.07
CA MET A 89 -19.20 21.54 -1.90
C MET A 89 -20.58 20.95 -2.18
N GLU A 90 -20.60 19.65 -2.34
CA GLU A 90 -21.80 18.87 -2.47
C GLU A 90 -22.70 19.13 -1.27
N TYR A 91 -23.97 19.40 -1.54
CA TYR A 91 -24.98 19.53 -0.49
C TYR A 91 -25.58 18.17 -0.20
N CYS A 92 -25.53 17.74 1.06
CA CYS A 92 -26.13 16.51 1.49
C CYS A 92 -27.41 16.85 2.26
N ASN A 93 -28.56 16.50 1.68
CA ASN A 93 -29.85 17.01 2.17
C ASN A 93 -30.37 16.20 3.38
N GLY A 94 -29.59 15.24 3.88
CA GLY A 94 -30.01 14.34 4.98
C GLY A 94 -29.36 14.65 6.33
N GLY A 95 -28.46 15.63 6.38
CA GLY A 95 -27.72 15.95 7.62
C GLY A 95 -26.69 14.87 7.95
N ASP A 96 -26.32 14.78 9.22
CA ASP A 96 -25.25 13.88 9.65
C ASP A 96 -25.87 12.60 10.22
N LEU A 97 -25.06 11.54 10.22
CA LEU A 97 -25.46 10.24 10.73
C LEU A 97 -25.81 10.33 12.21
N ALA A 98 -25.14 11.24 12.93
CA ALA A 98 -25.36 11.45 14.38
C ALA A 98 -26.83 11.75 14.64
N ASP A 99 -27.40 12.67 13.86
CA ASP A 99 -28.77 13.13 13.99
C ASP A 99 -29.73 12.05 13.47
N TYR A 100 -29.30 11.29 12.46
CA TYR A 100 -30.10 10.18 11.93
C TYR A 100 -30.30 9.12 13.02
N LEU A 101 -29.21 8.82 13.77
CA LEU A 101 -29.24 7.79 14.84
C LEU A 101 -30.10 8.28 16.02
N GLN A 102 -30.00 9.59 16.31
CA GLN A 102 -30.81 10.26 17.31
C GLN A 102 -32.31 10.05 16.99
N ALA A 103 -32.64 10.06 15.71
CA ALA A 103 -34.03 10.00 15.24
C ALA A 103 -34.54 8.55 15.23
N LYS A 104 -33.68 7.58 14.89
CA LYS A 104 -34.08 6.20 14.59
C LYS A 104 -33.71 5.24 15.73
N GLY A 105 -32.73 5.61 16.57
CA GLY A 105 -32.29 4.82 17.72
C GLY A 105 -31.20 3.83 17.33
N THR A 106 -31.62 2.67 16.83
CA THR A 106 -30.74 1.64 16.34
C THR A 106 -31.16 1.27 14.92
N LEU A 107 -30.29 0.58 14.19
CA LEU A 107 -30.52 0.21 12.80
C LEU A 107 -30.41 -1.30 12.64
N SER A 108 -31.27 -1.86 11.78
CA SER A 108 -31.18 -3.24 11.35
C SER A 108 -29.80 -3.51 10.74
N GLU A 109 -29.38 -4.77 10.80
CA GLU A 109 -28.16 -5.22 10.18
C GLU A 109 -28.26 -4.99 8.67
N ASP A 110 -29.46 -5.13 8.10
CA ASP A 110 -29.68 -4.86 6.66
C ASP A 110 -29.26 -3.41 6.36
N THR A 111 -29.78 -2.46 7.13
CA THR A 111 -29.49 -1.04 6.97
C THR A 111 -27.98 -0.78 7.15
N ILE A 112 -27.37 -1.41 8.17
CA ILE A 112 -25.98 -1.18 8.53
C ILE A 112 -25.09 -1.67 7.38
N ARG A 113 -25.48 -2.77 6.74
CA ARG A 113 -24.73 -3.36 5.61
C ARG A 113 -24.69 -2.37 4.44
N VAL A 114 -25.82 -1.69 4.20
CA VAL A 114 -25.96 -0.74 3.12
C VAL A 114 -25.03 0.45 3.38
N PHE A 115 -25.07 0.98 4.61
CA PHE A 115 -24.24 2.11 5.01
C PHE A 115 -22.76 1.72 4.93
N LEU A 116 -22.45 0.51 5.37
CA LEU A 116 -21.09 0.08 5.54
C LEU A 116 -20.47 -0.26 4.19
N HIS A 117 -21.28 -0.78 3.28
CA HIS A 117 -20.84 -1.02 1.92
C HIS A 117 -20.34 0.29 1.32
N GLN A 118 -21.05 1.39 1.58
CA GLN A 118 -20.70 2.68 1.02
C GLN A 118 -19.45 3.24 1.71
N ILE A 119 -19.41 3.15 3.03
CA ILE A 119 -18.27 3.60 3.81
C ILE A 119 -17.01 2.88 3.31
N ALA A 120 -17.12 1.57 3.11
CA ALA A 120 -16.04 0.72 2.64
C ALA A 120 -15.55 1.17 1.27
N ALA A 121 -16.50 1.53 0.39
CA ALA A 121 -16.17 2.00 -0.95
C ALA A 121 -15.32 3.28 -0.85
N ALA A 122 -15.66 4.17 0.11
CA ALA A 122 -14.93 5.40 0.38
C ALA A 122 -13.53 5.06 0.90
N MET A 123 -13.46 4.09 1.80
CA MET A 123 -12.22 3.71 2.43
C MET A 123 -11.26 3.15 1.37
N ARG A 124 -11.79 2.39 0.41
CA ARG A 124 -10.97 1.80 -0.67
C ARG A 124 -10.19 2.90 -1.36
N ILE A 125 -10.85 4.04 -1.60
CA ILE A 125 -10.23 5.18 -2.27
C ILE A 125 -9.18 5.78 -1.32
N LEU A 126 -9.56 6.02 -0.06
CA LEU A 126 -8.63 6.60 0.91
C LEU A 126 -7.36 5.75 0.95
N HIS A 127 -7.54 4.44 1.08
CA HIS A 127 -6.45 3.47 1.27
C HIS A 127 -5.51 3.43 0.06
N SER A 128 -6.09 3.50 -1.14
CA SER A 128 -5.33 3.43 -2.36
C SER A 128 -4.50 4.71 -2.56
N LYS A 129 -4.94 5.84 -1.98
CA LYS A 129 -4.20 7.12 -2.03
C LYS A 129 -3.33 7.31 -0.78
N GLY A 130 -3.39 6.37 0.16
CA GLY A 130 -2.61 6.42 1.40
C GLY A 130 -3.02 7.57 2.32
N ILE A 131 -4.34 7.82 2.42
CA ILE A 131 -4.89 8.86 3.26
C ILE A 131 -5.64 8.22 4.43
N ILE A 132 -5.35 8.72 5.62
CA ILE A 132 -6.01 8.32 6.84
C ILE A 132 -6.85 9.50 7.31
N HIS A 133 -8.11 9.23 7.63
CA HIS A 133 -9.05 10.27 8.02
C HIS A 133 -8.80 10.68 9.47
N ARG A 134 -8.80 9.70 10.38
CA ARG A 134 -8.40 9.83 11.79
C ARG A 134 -9.50 10.43 12.67
N ASP A 135 -10.59 10.91 12.07
CA ASP A 135 -11.64 11.58 12.80
C ASP A 135 -13.02 11.15 12.27
N LEU A 136 -13.13 9.91 11.81
CA LEU A 136 -14.42 9.37 11.39
C LEU A 136 -15.31 9.25 12.62
N LYS A 137 -16.53 9.75 12.49
CA LYS A 137 -17.50 9.68 13.52
C LYS A 137 -18.85 10.02 12.89
N PRO A 138 -19.98 9.77 13.58
CA PRO A 138 -21.30 10.00 13.00
C PRO A 138 -21.52 11.45 12.55
N GLN A 139 -20.89 12.41 13.24
CA GLN A 139 -21.03 13.86 12.92
C GLN A 139 -20.35 14.16 11.56
N ASN A 140 -19.42 13.29 11.14
CA ASN A 140 -18.59 13.48 9.95
C ASN A 140 -19.05 12.54 8.83
N ILE A 141 -20.20 11.90 8.99
CA ILE A 141 -20.77 11.06 7.96
C ILE A 141 -22.12 11.65 7.55
N LEU A 142 -22.20 12.12 6.32
CA LEU A 142 -23.34 12.87 5.84
C LEU A 142 -24.22 11.98 4.98
N LEU A 143 -25.47 12.41 4.86
CA LEU A 143 -26.54 11.62 4.26
C LEU A 143 -27.18 12.40 3.11
N SER A 144 -27.36 11.72 1.98
CA SER A 144 -28.02 12.28 0.81
C SER A 144 -29.10 11.30 0.33
N TYR A 145 -30.34 11.80 0.15
CA TYR A 145 -31.51 10.99 -0.27
C TYR A 145 -31.79 11.24 -1.76
N ALA A 146 -32.18 10.19 -2.48
CA ALA A 146 -32.51 10.25 -3.93
C ALA A 146 -33.91 10.85 -4.17
N ASN A 147 -34.96 10.11 -3.79
CA ASN A 147 -36.37 10.50 -4.07
C ASN A 147 -37.31 9.64 -3.21
N SER A 154 -32.98 2.16 1.49
CA SER A 154 -32.08 1.84 0.38
C SER A 154 -31.68 3.12 -0.34
N GLY A 155 -32.58 4.12 -0.33
CA GLY A 155 -32.45 5.34 -1.11
C GLY A 155 -31.37 6.30 -0.61
N ILE A 156 -30.77 6.01 0.55
CA ILE A 156 -29.81 6.90 1.19
C ILE A 156 -28.41 6.59 0.66
N ARG A 157 -27.68 7.65 0.30
CA ARG A 157 -26.30 7.56 -0.07
C ARG A 157 -25.45 8.30 0.98
N ILE A 158 -24.33 7.66 1.36
CA ILE A 158 -23.47 8.05 2.46
C ILE A 158 -22.27 8.82 1.90
N LYS A 159 -21.86 9.86 2.61
CA LYS A 159 -20.71 10.67 2.16
C LYS A 159 -19.83 11.03 3.36
N ILE A 160 -18.57 10.57 3.32
CA ILE A 160 -17.55 10.92 4.31
C ILE A 160 -17.14 12.38 4.11
N ALA A 161 -17.00 13.10 5.23
CA ALA A 161 -16.66 14.51 5.24
C ALA A 161 -15.64 14.80 6.34
N ASP A 162 -15.08 16.02 6.32
CA ASP A 162 -14.20 16.60 7.38
C ASP A 162 -12.84 15.90 7.37
N PHE A 163 -11.95 16.34 6.50
CA PHE A 163 -10.61 15.81 6.44
C PHE A 163 -9.65 16.73 7.20
N GLY A 164 -10.18 17.45 8.20
CA GLY A 164 -9.42 18.38 9.00
C GLY A 164 -8.27 17.71 9.78
N PHE A 165 -8.46 16.46 10.18
CA PHE A 165 -7.51 15.75 11.02
C PHE A 165 -6.73 14.73 10.17
N ALA A 166 -6.98 14.70 8.86
CA ALA A 166 -6.48 13.64 7.97
C ALA A 166 -4.98 13.79 7.77
N ARG A 167 -4.32 12.70 7.36
CA ARG A 167 -2.92 12.75 7.05
C ARG A 167 -2.56 11.67 6.03
N TYR A 168 -1.44 11.90 5.33
CA TYR A 168 -0.90 10.98 4.36
C TYR A 168 0.09 10.05 5.05
N LEU A 169 0.03 8.76 4.70
CA LEU A 169 1.01 7.76 5.10
C LEU A 169 2.31 7.96 4.31
N HIS A 170 3.43 8.10 5.02
CA HIS A 170 4.73 8.32 4.44
C HIS A 170 5.33 6.96 4.06
N SER A 171 4.75 6.37 2.99
CA SER A 171 5.01 4.99 2.51
C SER A 171 6.18 4.99 1.51
N PRO A 182 18.69 9.15 7.68
CA PRO A 182 17.75 9.71 8.65
C PRO A 182 18.31 9.68 10.09
N MET A 183 19.63 9.83 10.19
CA MET A 183 20.38 9.76 11.45
C MET A 183 19.94 10.88 12.42
N TYR A 184 19.43 11.96 11.84
CA TYR A 184 19.14 13.17 12.53
C TYR A 184 17.70 13.18 13.07
N MET A 185 16.91 12.21 12.66
CA MET A 185 15.54 12.18 12.98
C MET A 185 15.32 11.44 14.31
N ALA A 186 14.41 11.98 15.12
CA ALA A 186 14.16 11.48 16.47
C ALA A 186 13.66 10.05 16.39
N PRO A 187 14.15 9.15 17.27
CA PRO A 187 13.75 7.75 17.22
C PRO A 187 12.23 7.54 17.33
N GLU A 188 11.55 8.35 18.14
CA GLU A 188 10.10 8.22 18.29
C GLU A 188 9.43 8.42 16.91
N VAL A 189 10.00 9.31 16.08
CA VAL A 189 9.45 9.64 14.78
C VAL A 189 9.73 8.49 13.80
N ILE A 190 10.97 8.01 13.76
CA ILE A 190 11.33 6.83 12.94
C ILE A 190 10.37 5.69 13.24
N MET A 191 10.24 5.36 14.53
CA MET A 191 9.56 4.17 15.02
C MET A 191 8.04 4.31 14.89
N SER A 192 7.53 5.54 14.81
CA SER A 192 6.08 5.77 14.85
C SER A 192 5.47 5.79 13.44
N GLN A 193 6.28 5.56 12.41
CA GLN A 193 5.77 5.51 11.05
C GLN A 193 4.68 4.42 10.96
N HIS A 194 3.53 4.75 10.35
CA HIS A 194 2.42 3.79 10.09
C HIS A 194 1.66 3.41 11.38
N TYR A 195 1.91 4.11 12.50
CA TYR A 195 1.30 3.72 13.79
C TYR A 195 -0.23 3.86 13.72
N ASP A 196 -0.71 4.85 12.96
CA ASP A 196 -2.12 5.19 12.88
C ASP A 196 -2.71 4.68 11.55
N ALA A 197 -2.03 3.74 10.90
CA ALA A 197 -2.41 3.25 9.57
C ALA A 197 -3.80 2.59 9.59
N LYS A 198 -4.21 2.06 10.75
CA LYS A 198 -5.47 1.33 10.86
C LYS A 198 -6.51 2.11 11.67
N ALA A 199 -6.28 3.40 11.91
CA ALA A 199 -7.10 4.17 12.83
C ALA A 199 -8.57 4.17 12.38
N ASP A 200 -8.78 4.31 11.07
CA ASP A 200 -10.11 4.47 10.53
C ASP A 200 -10.91 3.20 10.75
N LEU A 201 -10.23 2.04 10.78
CA LEU A 201 -10.90 0.76 10.97
C LEU A 201 -11.48 0.70 12.40
N TRP A 202 -10.75 1.23 13.38
CA TRP A 202 -11.30 1.33 14.72
C TRP A 202 -12.55 2.20 14.71
N SER A 203 -12.45 3.36 14.08
CA SER A 203 -13.52 4.34 14.09
C SER A 203 -14.79 3.74 13.50
N ILE A 204 -14.65 3.10 12.33
CA ILE A 204 -15.74 2.48 11.62
C ILE A 204 -16.41 1.46 12.56
N GLY A 205 -15.58 0.76 13.33
CA GLY A 205 -16.03 -0.17 14.35
C GLY A 205 -16.95 0.48 15.36
N THR A 206 -16.53 1.62 15.92
CA THR A 206 -17.29 2.34 16.97
C THR A 206 -18.61 2.85 16.37
N VAL A 207 -18.57 3.27 15.12
CA VAL A 207 -19.73 3.84 14.46
C VAL A 207 -20.76 2.73 14.21
N ILE A 208 -20.30 1.59 13.66
CA ILE A 208 -21.15 0.43 13.46
C ILE A 208 -21.72 0.00 14.82
N TYR A 209 -20.86 -0.04 15.84
CA TYR A 209 -21.29 -0.46 17.16
C TYR A 209 -22.45 0.42 17.63
N GLN A 210 -22.31 1.74 17.47
CA GLN A 210 -23.33 2.65 17.92
C GLN A 210 -24.63 2.42 17.13
N CYS A 211 -24.49 2.20 15.82
CA CYS A 211 -25.63 1.96 14.93
C CYS A 211 -26.44 0.77 15.44
N LEU A 212 -25.73 -0.27 15.91
CA LEU A 212 -26.30 -1.56 16.23
C LEU A 212 -26.93 -1.52 17.63
N VAL A 213 -26.17 -0.99 18.58
CA VAL A 213 -26.45 -1.09 20.01
C VAL A 213 -27.16 0.18 20.50
N GLY A 214 -26.71 1.35 20.05
CA GLY A 214 -27.40 2.61 20.36
C GLY A 214 -26.60 3.50 21.29
N LYS A 215 -25.37 3.07 21.60
CA LYS A 215 -24.41 3.94 22.23
C LYS A 215 -23.03 3.52 21.77
N PRO A 216 -22.00 4.38 21.90
CA PRO A 216 -20.64 4.00 21.55
C PRO A 216 -20.14 2.92 22.51
N PRO A 217 -19.15 2.11 22.09
CA PRO A 217 -18.63 1.04 22.95
C PRO A 217 -17.88 1.56 24.19
N PHE A 218 -17.29 2.75 24.11
CA PHE A 218 -16.42 3.28 25.13
C PHE A 218 -16.67 4.78 25.31
N GLN A 219 -17.24 5.14 26.46
CA GLN A 219 -17.54 6.54 26.83
C GLN A 219 -16.59 6.96 27.95
N ALA A 220 -16.42 8.27 28.11
CA ALA A 220 -15.64 8.80 29.22
C ALA A 220 -16.11 10.23 29.54
N ASN A 221 -15.65 10.71 30.71
CA ASN A 221 -16.13 11.97 31.29
C ASN A 221 -15.42 13.16 30.64
N SER A 222 -14.27 12.90 29.99
CA SER A 222 -13.46 13.94 29.38
C SER A 222 -12.48 13.32 28.37
N PRO A 223 -11.81 14.15 27.54
CA PRO A 223 -10.73 13.66 26.67
C PRO A 223 -9.56 12.97 27.41
N GLN A 224 -9.15 13.54 28.56
CA GLN A 224 -7.98 13.04 29.30
C GLN A 224 -8.32 11.75 30.05
N ASP A 225 -9.61 11.55 30.36
CA ASP A 225 -10.13 10.32 31.04
C ASP A 225 -10.06 9.13 30.08
N LEU A 226 -10.41 9.36 28.80
CA LEU A 226 -10.41 8.33 27.75
C LEU A 226 -8.95 8.00 27.34
N ARG A 227 -8.07 9.01 27.42
CA ARG A 227 -6.64 8.84 27.12
C ARG A 227 -6.02 7.81 28.06
N MET A 228 -6.25 7.97 29.37
CA MET A 228 -5.61 7.15 30.42
C MET A 228 -6.30 5.77 30.51
N PHE A 229 -7.59 5.70 30.15
CA PHE A 229 -8.31 4.43 29.98
C PHE A 229 -7.57 3.55 28.94
N TYR A 230 -7.37 4.10 27.75
CA TYR A 230 -6.73 3.38 26.64
C TYR A 230 -5.25 3.13 26.95
N GLU A 231 -4.61 4.12 27.58
CA GLU A 231 -3.17 4.10 27.91
C GLU A 231 -2.84 2.92 28.83
N LYS A 232 -3.77 2.62 29.76
CA LYS A 232 -3.58 1.54 30.75
C LYS A 232 -4.29 0.21 30.37
N ASN A 233 -4.72 0.05 29.12
CA ASN A 233 -5.46 -1.06 28.61
C ASN A 233 -6.57 -1.47 29.58
N ARG A 234 -7.14 -0.48 30.28
CA ARG A 234 -8.41 -0.68 31.00
C ARG A 234 -9.54 -0.77 29.97
N SER A 235 -9.29 -1.48 28.86
CA SER A 235 -10.17 -1.50 27.68
C SER A 235 -10.32 -2.96 27.21
N LEU A 236 -11.57 -3.46 27.34
CA LEU A 236 -11.94 -4.81 26.96
C LEU A 236 -12.92 -4.75 25.78
N MET A 237 -12.88 -5.76 24.91
CA MET A 237 -13.96 -6.06 24.00
C MET A 237 -15.28 -5.64 24.64
N PRO A 238 -16.09 -4.78 23.98
CA PRO A 238 -17.39 -4.38 24.53
C PRO A 238 -18.47 -5.44 24.29
N SER A 239 -19.60 -5.27 24.97
CA SER A 239 -20.76 -6.11 24.86
C SER A 239 -21.38 -6.11 23.45
N ILE A 240 -21.23 -7.24 22.76
CA ILE A 240 -21.96 -7.57 21.54
C ILE A 240 -23.29 -8.23 21.91
N PRO A 241 -24.45 -7.61 21.63
CA PRO A 241 -25.74 -8.25 21.81
C PRO A 241 -25.80 -9.66 21.19
N ARG A 242 -26.52 -10.55 21.88
CA ARG A 242 -26.60 -11.95 21.53
C ARG A 242 -27.45 -12.13 20.26
N GLU A 243 -28.20 -11.10 19.85
CA GLU A 243 -29.01 -11.07 18.60
C GLU A 243 -28.10 -11.08 17.36
N THR A 244 -26.87 -10.62 17.55
CA THR A 244 -25.98 -10.17 16.46
C THR A 244 -25.59 -11.36 15.58
N SER A 245 -25.71 -11.19 14.26
CA SER A 245 -25.35 -12.23 13.28
C SER A 245 -23.86 -12.55 13.38
N PRO A 246 -23.46 -13.80 13.07
CA PRO A 246 -22.07 -14.21 13.23
C PRO A 246 -21.07 -13.32 12.48
N TYR A 247 -21.44 -12.89 11.26
CA TYR A 247 -20.56 -12.11 10.42
C TYR A 247 -20.37 -10.69 10.99
N LEU A 248 -21.45 -10.04 11.42
CA LEU A 248 -21.36 -8.69 11.97
C LEU A 248 -20.52 -8.72 13.26
N ALA A 249 -20.70 -9.78 14.06
CA ALA A 249 -19.99 -9.92 15.32
C ALA A 249 -18.50 -10.11 15.04
N ASN A 250 -18.17 -10.95 14.06
CA ASN A 250 -16.77 -11.20 13.67
C ASN A 250 -16.15 -9.88 13.25
N LEU A 251 -16.89 -9.08 12.47
CA LEU A 251 -16.44 -7.82 11.96
C LEU A 251 -16.13 -6.84 13.11
N LEU A 252 -17.08 -6.67 14.03
CA LEU A 252 -16.92 -5.76 15.15
C LEU A 252 -15.72 -6.17 16.01
N LEU A 253 -15.54 -7.49 16.21
CA LEU A 253 -14.46 -7.98 17.11
C LEU A 253 -13.10 -7.65 16.49
N GLY A 254 -13.03 -7.73 15.16
CA GLY A 254 -11.78 -7.55 14.43
C GLY A 254 -11.44 -6.08 14.20
N LEU A 255 -12.48 -5.24 14.18
CA LEU A 255 -12.29 -3.79 14.05
C LEU A 255 -11.95 -3.20 15.43
N LEU A 256 -12.62 -3.68 16.47
CA LEU A 256 -12.50 -3.09 17.82
C LEU A 256 -11.40 -3.81 18.61
N GLN A 257 -10.19 -3.84 18.04
CA GLN A 257 -8.97 -4.31 18.67
C GLN A 257 -8.13 -3.12 19.09
N ARG A 258 -7.84 -3.01 20.39
CA ARG A 258 -7.13 -1.89 20.98
C ARG A 258 -5.74 -1.76 20.33
N ASN A 259 -5.14 -2.88 19.97
CA ASN A 259 -3.80 -2.89 19.38
C ASN A 259 -3.91 -3.06 17.86
N GLN A 260 -3.31 -2.12 17.12
CA GLN A 260 -3.35 -2.06 15.65
C GLN A 260 -2.67 -3.32 15.08
N LYS A 261 -1.69 -3.82 15.83
CA LYS A 261 -1.04 -5.11 15.59
C LYS A 261 -2.09 -6.22 15.40
N ASP A 262 -3.16 -6.20 16.20
CA ASP A 262 -4.16 -7.32 16.26
C ASP A 262 -5.45 -7.00 15.47
N ARG A 263 -5.55 -5.79 14.93
CA ARG A 263 -6.77 -5.30 14.30
C ARG A 263 -6.84 -5.79 12.85
N MET A 264 -8.03 -6.22 12.44
CA MET A 264 -8.33 -6.57 11.07
C MET A 264 -7.71 -5.54 10.14
N ASP A 265 -7.03 -5.97 9.09
CA ASP A 265 -6.44 -5.03 8.10
C ASP A 265 -7.43 -4.80 6.94
N PHE A 266 -7.11 -3.83 6.09
CA PHE A 266 -8.07 -3.25 5.16
C PHE A 266 -8.63 -4.30 4.21
N GLU A 267 -7.76 -5.17 3.71
CA GLU A 267 -8.14 -6.12 2.66
C GLU A 267 -9.15 -7.13 3.22
N ALA A 268 -8.98 -7.51 4.49
CA ALA A 268 -9.94 -8.37 5.19
C ALA A 268 -11.29 -7.66 5.30
N PHE A 269 -11.25 -6.35 5.62
CA PHE A 269 -12.43 -5.52 5.83
C PHE A 269 -13.20 -5.31 4.52
N PHE A 270 -12.51 -4.91 3.44
CA PHE A 270 -13.16 -4.61 2.13
C PHE A 270 -13.89 -5.83 1.60
N SER A 271 -13.34 -7.01 1.89
CA SER A 271 -13.81 -8.25 1.31
C SER A 271 -14.49 -9.11 2.39
N HIS A 272 -14.96 -8.45 3.47
CA HIS A 272 -15.49 -9.16 4.64
C HIS A 272 -16.83 -9.79 4.28
N PRO A 273 -17.04 -11.07 4.66
CA PRO A 273 -18.30 -11.76 4.39
C PRO A 273 -19.60 -10.96 4.65
N PHE A 274 -19.59 -10.15 5.73
CA PHE A 274 -20.78 -9.39 6.12
C PHE A 274 -21.23 -8.42 5.02
N LEU A 275 -20.30 -8.00 4.14
CA LEU A 275 -20.55 -6.92 3.19
C LEU A 275 -21.13 -7.44 1.88
N GLU A 276 -21.23 -8.77 1.70
CA GLU A 276 -21.50 -9.36 0.38
C GLU A 276 -22.48 -10.53 0.50
N GLN A 277 -23.74 -10.26 0.86
CA GLN A 277 -24.73 -11.35 1.01
C GLN A 277 -26.17 -10.83 0.86
N GLY A 278 -27.12 -11.77 0.74
CA GLY A 278 -28.57 -11.51 0.56
C GLY A 278 -28.95 -10.06 0.83
N GLY B 1 8.29 29.76 -20.79
CA GLY B 1 9.46 30.34 -20.10
C GLY B 1 10.73 30.14 -20.90
N GLY B 2 10.69 30.57 -22.16
CA GLY B 2 11.83 30.59 -23.08
C GLY B 2 12.92 31.54 -22.62
N GLY B 3 12.50 32.75 -22.20
CA GLY B 3 13.42 33.89 -21.91
C GLY B 3 14.25 33.63 -20.67
N SER B 4 15.29 34.46 -20.45
CA SER B 4 16.25 34.22 -19.34
C SER B 4 15.76 34.89 -18.05
N MET B 5 14.78 35.78 -18.17
CA MET B 5 14.32 36.61 -17.07
C MET B 5 12.90 36.20 -16.70
N GLU B 6 12.58 36.27 -15.39
CA GLU B 6 11.21 36.08 -14.95
C GLU B 6 10.87 37.11 -13.87
N VAL B 7 9.64 37.63 -13.96
CA VAL B 7 9.12 38.54 -12.99
C VAL B 7 8.21 37.78 -12.03
N VAL B 8 8.38 38.08 -10.74
CA VAL B 8 7.65 37.44 -9.67
C VAL B 8 7.19 38.54 -8.69
N GLY B 9 5.97 39.03 -8.87
CA GLY B 9 5.48 40.18 -8.14
C GLY B 9 6.45 41.34 -8.26
N ASP B 10 6.91 41.83 -7.11
CA ASP B 10 7.82 42.96 -7.00
C ASP B 10 9.29 42.53 -7.19
N PHE B 11 9.53 41.25 -7.46
CA PHE B 11 10.87 40.68 -7.56
C PHE B 11 11.10 40.15 -8.97
N GLU B 12 12.36 39.87 -9.30
CA GLU B 12 12.73 39.34 -10.59
C GLU B 12 13.97 38.46 -10.42
N TYR B 13 14.18 37.55 -11.38
CA TYR B 13 15.37 36.75 -11.37
C TYR B 13 15.70 36.32 -12.79
N SER B 14 16.99 35.97 -12.95
CA SER B 14 17.50 35.38 -14.15
C SER B 14 17.73 33.90 -13.90
N LYS B 15 17.36 33.07 -14.89
CA LYS B 15 17.45 31.61 -14.78
C LYS B 15 18.91 31.16 -14.75
N ARG B 16 19.83 32.04 -15.12
CA ARG B 16 21.26 31.78 -15.01
C ARG B 16 21.67 31.64 -13.55
N ASP B 17 20.98 32.37 -12.66
CA ASP B 17 21.39 32.47 -11.26
C ASP B 17 20.70 31.37 -10.44
N LEU B 18 20.90 30.12 -10.86
CA LEU B 18 20.36 28.93 -10.19
C LEU B 18 21.22 28.66 -8.95
N VAL B 19 20.57 28.35 -7.82
CA VAL B 19 21.24 28.05 -6.59
C VAL B 19 21.28 26.52 -6.42
N GLY B 20 20.13 25.87 -6.61
CA GLY B 20 20.03 24.42 -6.53
C GLY B 20 18.58 23.97 -6.63
N HIS B 21 18.36 22.67 -6.43
CA HIS B 21 17.00 22.13 -6.41
C HIS B 21 16.80 21.31 -5.13
N GLY B 22 15.56 21.23 -4.69
CA GLY B 22 15.09 20.16 -3.83
C GLY B 22 14.25 19.21 -4.66
N ALA B 23 13.41 18.44 -3.96
CA ALA B 23 12.62 17.42 -4.60
C ALA B 23 11.53 18.09 -5.46
N PHE B 24 10.99 19.22 -4.99
CA PHE B 24 9.80 19.83 -5.62
C PHE B 24 10.07 21.26 -6.10
N ALA B 25 11.13 21.90 -5.60
CA ALA B 25 11.40 23.31 -5.87
C ALA B 25 12.75 23.49 -6.58
N VAL B 26 12.78 24.46 -7.49
CA VAL B 26 14.02 24.96 -8.07
C VAL B 26 14.24 26.38 -7.54
N VAL B 27 15.46 26.68 -7.12
CA VAL B 27 15.71 27.88 -6.31
C VAL B 27 16.76 28.75 -7.02
N PHE B 28 16.39 30.04 -7.18
CA PHE B 28 17.19 31.02 -7.86
C PHE B 28 17.53 32.17 -6.91
N ARG B 29 18.68 32.79 -7.17
CA ARG B 29 19.05 34.08 -6.59
C ARG B 29 18.33 35.16 -7.39
N GLY B 30 17.61 36.03 -6.72
CA GLY B 30 16.81 37.07 -7.36
C GLY B 30 17.04 38.40 -6.65
N ARG B 31 16.25 39.41 -7.02
CA ARG B 31 16.31 40.66 -6.36
C ARG B 31 14.96 41.35 -6.47
N HIS B 32 14.75 42.36 -5.60
CA HIS B 32 13.67 43.31 -5.72
C HIS B 32 13.91 44.14 -6.99
N ARG B 33 12.83 44.54 -7.66
CA ARG B 33 12.91 45.14 -8.96
C ARG B 33 13.33 46.60 -8.84
N GLN B 34 12.91 47.29 -7.75
CA GLN B 34 13.32 48.67 -7.49
C GLN B 34 14.57 48.68 -6.61
N LYS B 35 14.48 48.02 -5.45
CA LYS B 35 15.58 47.95 -4.49
C LYS B 35 16.50 46.78 -4.87
N THR B 36 17.32 46.97 -5.90
CA THR B 36 18.01 45.87 -6.58
C THR B 36 19.16 45.33 -5.72
N ASP B 37 19.51 46.05 -4.66
CA ASP B 37 20.56 45.61 -3.72
C ASP B 37 19.99 44.54 -2.76
N TRP B 38 18.66 44.44 -2.71
CA TRP B 38 17.97 43.43 -1.90
C TRP B 38 17.92 42.08 -2.63
N GLU B 39 18.79 41.16 -2.23
CA GLU B 39 18.84 39.83 -2.82
C GLU B 39 17.83 38.94 -2.11
N VAL B 40 17.22 38.03 -2.88
CA VAL B 40 16.25 37.10 -2.36
C VAL B 40 16.47 35.75 -3.02
N ALA B 41 15.99 34.70 -2.34
CA ALA B 41 15.85 33.40 -2.93
C ALA B 41 14.43 33.25 -3.44
N ILE B 42 14.31 32.77 -4.67
CA ILE B 42 13.02 32.54 -5.27
C ILE B 42 12.88 31.04 -5.57
N LYS B 43 11.97 30.37 -4.87
CA LYS B 43 11.67 28.94 -5.08
C LYS B 43 10.53 28.83 -6.07
N SER B 44 10.75 28.12 -7.17
CA SER B 44 9.76 27.78 -8.13
C SER B 44 9.33 26.35 -7.91
N ILE B 45 8.02 26.15 -7.79
CA ILE B 45 7.43 24.86 -7.45
C ILE B 45 6.37 24.52 -8.50
N ASN B 46 6.64 23.44 -9.26
CA ASN B 46 5.70 23.00 -10.29
C ASN B 46 4.43 22.49 -9.60
N LYS B 47 3.26 22.98 -10.03
CA LYS B 47 1.97 22.67 -9.36
C LYS B 47 1.52 21.24 -9.67
N LYS B 48 1.82 20.73 -10.87
CA LYS B 48 1.38 19.36 -11.25
C LYS B 48 2.21 18.31 -10.49
N ASN B 49 3.53 18.55 -10.38
CA ASN B 49 4.39 17.65 -9.64
C ASN B 49 3.92 17.60 -8.18
N LEU B 50 3.61 18.79 -7.64
CA LEU B 50 3.26 18.95 -6.27
C LEU B 50 1.94 18.24 -5.96
N SER B 51 1.02 18.23 -6.92
CA SER B 51 -0.29 17.64 -6.75
C SER B 51 -0.22 16.11 -6.80
N LYS B 52 0.93 15.55 -7.20
CA LYS B 52 1.16 14.09 -7.18
C LYS B 52 1.92 13.68 -5.92
N SER B 53 2.23 14.63 -5.03
CA SER B 53 3.03 14.40 -3.83
C SER B 53 2.14 14.52 -2.60
N GLN B 54 2.72 14.23 -1.44
CA GLN B 54 2.03 14.41 -0.20
C GLN B 54 2.57 15.66 0.51
N ILE B 55 3.17 16.58 -0.25
CA ILE B 55 3.71 17.81 0.28
C ILE B 55 2.57 18.78 0.52
N LEU B 56 2.58 19.41 1.71
CA LEU B 56 1.61 20.40 2.11
C LEU B 56 2.27 21.78 2.10
N LEU B 57 2.30 22.41 0.92
CA LEU B 57 2.92 23.72 0.77
C LEU B 57 2.15 24.78 1.55
N GLY B 58 0.83 24.65 1.56
CA GLY B 58 -0.05 25.49 2.36
C GLY B 58 0.41 25.56 3.81
N LYS B 59 0.79 24.40 4.36
CA LYS B 59 1.27 24.33 5.74
C LYS B 59 2.62 25.04 5.89
N GLU B 60 3.56 24.77 4.97
CA GLU B 60 4.88 25.39 5.03
C GLU B 60 4.72 26.91 5.02
N ILE B 61 3.82 27.41 4.17
CA ILE B 61 3.61 28.85 4.01
C ILE B 61 2.99 29.42 5.28
N LYS B 62 2.01 28.71 5.85
CA LYS B 62 1.33 29.16 7.05
C LYS B 62 2.32 29.26 8.22
N ILE B 63 3.22 28.29 8.31
CA ILE B 63 4.19 28.23 9.38
C ILE B 63 5.27 29.32 9.20
N LEU B 64 5.73 29.51 7.96
CA LEU B 64 6.77 30.51 7.68
C LEU B 64 6.23 31.92 7.98
N LYS B 65 4.95 32.16 7.66
CA LYS B 65 4.31 33.46 7.90
C LYS B 65 4.25 33.73 9.40
N GLU B 66 3.95 32.68 10.17
CA GLU B 66 3.74 32.78 11.59
C GLU B 66 5.07 33.12 12.27
N LEU B 67 6.17 32.61 11.72
CA LEU B 67 7.48 32.80 12.27
C LEU B 67 8.10 34.07 11.66
N GLN B 68 8.77 34.82 12.53
CA GLN B 68 9.40 36.03 12.18
C GLN B 68 10.53 36.21 13.18
N HIS B 69 11.70 35.70 12.82
CA HIS B 69 12.83 35.67 13.67
C HIS B 69 14.09 35.68 12.82
N GLU B 70 15.16 36.28 13.36
CA GLU B 70 16.40 36.49 12.64
C GLU B 70 17.14 35.16 12.37
N ASN B 71 16.74 34.09 13.06
CA ASN B 71 17.37 32.78 12.93
C ASN B 71 16.42 31.78 12.26
N ILE B 72 15.37 32.31 11.61
CA ILE B 72 14.43 31.52 10.83
C ILE B 72 14.24 32.20 9.46
N VAL B 73 14.44 31.41 8.41
CA VAL B 73 14.47 31.92 7.06
C VAL B 73 13.15 32.64 6.79
N ALA B 74 13.25 33.89 6.30
CA ALA B 74 12.11 34.78 6.15
C ALA B 74 11.37 34.45 4.86
N LEU B 75 10.04 34.54 4.90
CA LEU B 75 9.18 34.51 3.72
C LEU B 75 8.65 35.93 3.46
N TYR B 76 8.86 36.45 2.26
CA TYR B 76 8.46 37.82 1.90
C TYR B 76 7.18 37.81 1.06
N ASP B 77 6.98 36.80 0.22
CA ASP B 77 5.90 36.85 -0.74
C ASP B 77 5.65 35.47 -1.33
N VAL B 78 4.40 35.26 -1.75
CA VAL B 78 3.93 34.08 -2.44
C VAL B 78 3.20 34.53 -3.70
N GLN B 79 3.63 34.05 -4.88
CA GLN B 79 2.97 34.36 -6.14
C GLN B 79 2.55 33.05 -6.80
N GLU B 80 1.31 33.01 -7.26
CA GLU B 80 0.74 31.84 -7.89
C GLU B 80 0.54 32.12 -9.38
N LEU B 81 1.22 31.35 -10.23
CA LEU B 81 0.88 31.24 -11.66
C LEU B 81 0.05 29.97 -11.88
N PRO B 82 -0.52 29.76 -13.09
CA PRO B 82 -1.32 28.54 -13.34
C PRO B 82 -0.45 27.27 -13.33
N ASN B 83 0.82 27.41 -13.74
CA ASN B 83 1.83 26.33 -13.80
C ASN B 83 2.53 26.10 -12.43
N SER B 84 2.87 27.21 -11.74
CA SER B 84 3.91 27.24 -10.70
C SER B 84 3.46 28.03 -9.46
N VAL B 85 4.10 27.77 -8.31
CA VAL B 85 4.01 28.65 -7.17
C VAL B 85 5.42 29.16 -6.86
N PHE B 86 5.53 30.43 -6.51
CA PHE B 86 6.78 31.05 -6.23
C PHE B 86 6.79 31.50 -4.77
N LEU B 87 7.84 31.12 -4.06
CA LEU B 87 8.13 31.63 -2.75
C LEU B 87 9.33 32.58 -2.85
N VAL B 88 9.14 33.82 -2.39
CA VAL B 88 10.23 34.75 -2.28
C VAL B 88 10.70 34.75 -0.82
N MET B 89 11.96 34.34 -0.62
CA MET B 89 12.49 34.12 0.70
C MET B 89 13.83 34.82 0.85
N GLU B 90 14.25 34.93 2.10
CA GLU B 90 15.54 35.46 2.47
C GLU B 90 16.60 34.64 1.75
N TYR B 91 17.56 35.32 1.13
CA TYR B 91 18.71 34.67 0.51
C TYR B 91 19.82 34.51 1.57
N CYS B 92 20.27 33.28 1.78
CA CYS B 92 21.36 33.00 2.69
C CYS B 92 22.60 32.68 1.86
N ASN B 93 23.57 33.59 1.90
CA ASN B 93 24.68 33.58 0.94
C ASN B 93 25.79 32.59 1.37
N GLY B 94 25.56 31.81 2.43
CA GLY B 94 26.59 30.86 2.96
C GLY B 94 26.31 29.38 2.68
N GLY B 95 25.17 29.08 2.02
CA GLY B 95 24.77 27.67 1.78
C GLY B 95 24.30 26.98 3.06
N ASP B 96 24.37 25.65 3.08
CA ASP B 96 23.87 24.85 4.20
C ASP B 96 25.04 24.45 5.13
N LEU B 97 24.69 24.10 6.36
CA LEU B 97 25.66 23.69 7.37
C LEU B 97 26.37 22.41 6.92
N ALA B 98 25.66 21.56 6.16
CA ALA B 98 26.21 20.30 5.65
C ALA B 98 27.49 20.57 4.83
N ASP B 99 27.42 21.57 3.93
CA ASP B 99 28.52 21.98 3.06
C ASP B 99 29.59 22.70 3.88
N TYR B 100 29.19 23.42 4.92
CA TYR B 100 30.14 24.09 5.80
C TYR B 100 31.01 23.06 6.53
N LEU B 101 30.39 21.97 6.99
CA LEU B 101 31.09 20.89 7.72
C LEU B 101 32.01 20.12 6.75
N GLN B 102 31.54 19.93 5.52
CA GLN B 102 32.32 19.33 4.42
C GLN B 102 33.63 20.12 4.23
N ALA B 103 33.53 21.44 4.38
CA ALA B 103 34.65 22.35 4.12
C ALA B 103 35.61 22.41 5.31
N LYS B 104 35.09 22.33 6.54
CA LYS B 104 35.86 22.63 7.76
C LYS B 104 36.19 21.34 8.54
N GLY B 105 35.43 20.26 8.32
CA GLY B 105 35.61 18.98 9.01
C GLY B 105 34.86 18.92 10.34
N THR B 106 35.50 19.43 11.39
CA THR B 106 34.92 19.54 12.71
C THR B 106 35.05 20.99 13.17
N LEU B 107 34.31 21.36 14.22
CA LEU B 107 34.26 22.73 14.73
C LEU B 107 34.67 22.75 16.20
N SER B 108 35.40 23.79 16.60
CA SER B 108 35.68 24.08 18.00
C SER B 108 34.37 24.20 18.78
N GLU B 109 34.45 23.93 20.08
CA GLU B 109 33.34 24.10 20.99
C GLU B 109 32.90 25.57 20.97
N ASP B 110 33.84 26.49 20.81
CA ASP B 110 33.54 27.94 20.73
C ASP B 110 32.59 28.17 19.56
N THR B 111 32.96 27.64 18.38
CA THR B 111 32.16 27.79 17.17
C THR B 111 30.78 27.16 17.35
N ILE B 112 30.74 25.97 17.97
CA ILE B 112 29.49 25.20 18.12
C ILE B 112 28.54 25.98 19.02
N ARG B 113 29.08 26.65 20.05
CA ARG B 113 28.29 27.41 21.01
C ARG B 113 27.57 28.58 20.28
N VAL B 114 28.29 29.20 19.34
CA VAL B 114 27.79 30.34 18.59
C VAL B 114 26.60 29.88 17.70
N PHE B 115 26.80 28.76 17.01
CA PHE B 115 25.79 28.18 16.14
C PHE B 115 24.58 27.73 16.97
N LEU B 116 24.86 27.13 18.12
CA LEU B 116 23.84 26.50 18.92
C LEU B 116 23.02 27.56 19.65
N HIS B 117 23.67 28.66 20.04
CA HIS B 117 22.99 29.79 20.62
C HIS B 117 21.88 30.26 19.66
N GLN B 118 22.21 30.31 18.36
CA GLN B 118 21.30 30.84 17.37
C GLN B 118 20.18 29.81 17.10
N ILE B 119 20.55 28.53 16.95
CA ILE B 119 19.60 27.47 16.73
C ILE B 119 18.59 27.44 17.89
N ALA B 120 19.11 27.55 19.12
CA ALA B 120 18.30 27.54 20.34
C ALA B 120 17.34 28.73 20.35
N ALA B 121 17.79 29.89 19.88
CA ALA B 121 16.95 31.07 19.78
C ALA B 121 15.75 30.79 18.84
N ALA B 122 16.02 30.08 17.73
CA ALA B 122 14.98 29.66 16.78
C ALA B 122 14.03 28.66 17.43
N MET B 123 14.58 27.73 18.20
CA MET B 123 13.78 26.71 18.86
C MET B 123 12.82 27.35 19.86
N ARG B 124 13.28 28.40 20.56
CA ARG B 124 12.47 29.10 21.55
C ARG B 124 11.18 29.58 20.87
N ILE B 125 11.32 30.09 19.64
CA ILE B 125 10.17 30.59 18.88
C ILE B 125 9.27 29.43 18.48
N LEU B 126 9.86 28.37 17.92
CA LEU B 126 9.07 27.21 17.53
C LEU B 126 8.26 26.70 18.72
N HIS B 127 8.94 26.55 19.87
CA HIS B 127 8.37 25.96 21.10
C HIS B 127 7.21 26.82 21.64
N SER B 128 7.37 28.14 21.58
CA SER B 128 6.38 29.05 22.11
C SER B 128 5.13 29.07 21.21
N LYS B 129 5.29 28.74 19.93
CA LYS B 129 4.15 28.65 18.97
C LYS B 129 3.64 27.21 18.85
N GLY B 130 4.26 26.28 19.55
CA GLY B 130 3.85 24.87 19.55
C GLY B 130 4.10 24.18 18.22
N ILE B 131 5.24 24.49 17.59
CA ILE B 131 5.62 23.91 16.30
C ILE B 131 6.81 23.00 16.49
N ILE B 132 6.72 21.81 15.92
CA ILE B 132 7.80 20.86 15.89
C ILE B 132 8.28 20.75 14.46
N HIS B 133 9.59 20.86 14.26
CA HIS B 133 10.21 20.86 12.94
C HIS B 133 10.27 19.44 12.38
N ARG B 134 10.85 18.52 13.16
CA ARG B 134 10.89 17.06 12.92
C ARG B 134 11.92 16.65 11.85
N ASP B 135 12.56 17.62 11.21
CA ASP B 135 13.46 17.33 10.11
C ASP B 135 14.69 18.24 10.18
N LEU B 136 15.08 18.67 11.37
CA LEU B 136 16.31 19.45 11.54
C LEU B 136 17.50 18.57 11.18
N LYS B 137 18.37 19.10 10.33
CA LYS B 137 19.57 18.44 9.94
C LYS B 137 20.47 19.46 9.28
N PRO B 138 21.76 19.17 9.07
CA PRO B 138 22.70 20.16 8.51
C PRO B 138 22.25 20.73 7.16
N GLN B 139 21.54 19.92 6.35
CA GLN B 139 21.08 20.33 5.02
CA GLN B 139 21.08 20.33 5.01
C GLN B 139 19.97 21.40 5.15
N ASN B 140 19.32 21.45 6.32
CA ASN B 140 18.17 22.33 6.58
C ASN B 140 18.59 23.50 7.48
N ILE B 141 19.89 23.68 7.69
CA ILE B 141 20.37 24.80 8.48
C ILE B 141 21.25 25.66 7.58
N LEU B 142 20.82 26.88 7.32
CA LEU B 142 21.42 27.73 6.32
C LEU B 142 22.28 28.79 7.00
N LEU B 143 23.22 29.36 6.23
CA LEU B 143 24.27 30.24 6.73
C LEU B 143 24.23 31.57 5.97
N SER B 144 24.36 32.66 6.72
CA SER B 144 24.34 34.02 6.17
C SER B 144 25.48 34.82 6.80
N TYR B 145 26.31 35.46 5.96
CA TYR B 145 27.51 36.21 6.40
C TYR B 145 27.25 37.72 6.29
N ALA B 146 27.79 38.52 7.23
CA ALA B 146 27.95 39.99 7.02
C ALA B 146 29.20 40.29 6.16
N ASN B 147 30.39 40.10 6.74
CA ASN B 147 31.69 40.47 6.08
C ASN B 147 32.85 39.86 6.87
N SER B 152 35.80 35.39 9.69
CA SER B 152 34.73 35.65 10.62
C SER B 152 33.90 34.39 10.84
N VAL B 153 33.45 34.21 12.08
CA VAL B 153 32.65 33.06 12.55
C VAL B 153 31.49 33.57 13.41
N SER B 154 31.76 34.58 14.24
CA SER B 154 30.72 35.37 14.88
C SER B 154 30.00 36.22 13.83
N GLY B 155 30.67 36.46 12.69
CA GLY B 155 30.08 37.08 11.50
C GLY B 155 29.01 36.23 10.82
N ILE B 156 28.93 34.93 11.16
CA ILE B 156 27.98 34.02 10.55
C ILE B 156 26.68 34.06 11.37
N ARG B 157 25.55 34.16 10.65
CA ARG B 157 24.24 34.06 11.25
C ARG B 157 23.53 32.82 10.67
N ILE B 158 22.84 32.09 11.56
CA ILE B 158 22.23 30.80 11.27
C ILE B 158 20.74 31.01 10.99
N LYS B 159 20.20 30.26 10.02
CA LYS B 159 18.78 30.32 9.69
C LYS B 159 18.23 28.91 9.47
N ILE B 160 17.27 28.51 10.30
CA ILE B 160 16.51 27.25 10.16
C ILE B 160 15.59 27.37 8.95
N ALA B 161 15.52 26.28 8.17
CA ALA B 161 14.73 26.23 6.96
C ALA B 161 14.03 24.86 6.88
N ASP B 162 13.12 24.74 5.90
CA ASP B 162 12.44 23.49 5.50
C ASP B 162 11.46 23.06 6.58
N PHE B 163 10.25 23.61 6.52
CA PHE B 163 9.19 23.25 7.43
C PHE B 163 8.26 22.23 6.77
N GLY B 164 8.81 21.45 5.85
CA GLY B 164 8.07 20.46 5.07
C GLY B 164 7.48 19.35 5.92
N PHE B 165 8.22 18.98 6.97
CA PHE B 165 7.83 17.86 7.82
C PHE B 165 7.26 18.37 9.14
N ALA B 166 7.13 19.69 9.27
CA ALA B 166 6.79 20.33 10.55
C ALA B 166 5.32 20.06 10.89
N ARG B 167 4.96 20.20 12.17
CA ARG B 167 3.56 20.06 12.54
C ARG B 167 3.34 20.84 13.83
N TYR B 168 2.07 21.18 14.06
CA TYR B 168 1.61 21.86 15.25
C TYR B 168 1.21 20.84 16.30
N LEU B 169 1.57 21.11 17.56
CA LEU B 169 1.09 20.34 18.71
C LEU B 169 -0.35 20.72 19.02
N HIS B 170 -1.25 19.73 19.03
CA HIS B 170 -2.69 20.00 19.24
C HIS B 170 -3.00 20.01 20.75
N SER B 171 -2.96 21.22 21.35
CA SER B 171 -3.05 21.44 22.81
C SER B 171 -4.52 21.51 23.25
N SER B 181 -14.78 13.81 25.34
CA SER B 181 -14.82 12.42 24.91
C SER B 181 -14.79 12.35 23.38
N PRO B 182 -13.60 12.21 22.75
CA PRO B 182 -13.48 11.65 21.39
C PRO B 182 -13.63 10.12 21.32
N MET B 183 -14.88 9.70 21.47
CA MET B 183 -15.26 8.32 21.69
C MET B 183 -14.96 7.48 20.44
N TYR B 184 -14.93 8.15 19.28
CA TYR B 184 -14.88 7.49 18.00
C TYR B 184 -13.44 7.37 17.51
N MET B 185 -12.51 7.99 18.24
CA MET B 185 -11.17 8.13 17.76
C MET B 185 -10.33 6.91 18.19
N ALA B 186 -9.46 6.45 17.29
CA ALA B 186 -8.62 5.27 17.50
C ALA B 186 -7.68 5.53 18.67
N PRO B 187 -7.52 4.54 19.57
CA PRO B 187 -6.68 4.71 20.76
C PRO B 187 -5.24 5.14 20.43
N GLU B 188 -4.67 4.61 19.35
CA GLU B 188 -3.30 4.95 18.98
C GLU B 188 -3.21 6.46 18.73
N VAL B 189 -4.28 7.05 18.21
CA VAL B 189 -4.32 8.47 17.86
C VAL B 189 -4.48 9.29 19.14
N ILE B 190 -5.42 8.91 20.00
CA ILE B 190 -5.59 9.56 21.31
C ILE B 190 -4.24 9.61 22.03
N MET B 191 -3.60 8.42 22.14
CA MET B 191 -2.47 8.19 23.00
C MET B 191 -1.19 8.81 22.40
N SER B 192 -1.18 9.05 21.08
CA SER B 192 0.05 9.48 20.41
C SER B 192 0.18 11.00 20.42
N GLN B 193 -0.78 11.72 20.98
CA GLN B 193 -0.66 13.17 21.13
C GLN B 193 0.62 13.50 21.91
N HIS B 194 1.40 14.45 21.39
CA HIS B 194 2.63 14.98 22.05
C HIS B 194 3.81 13.98 22.03
N TYR B 195 3.69 12.86 21.30
CA TYR B 195 4.72 11.78 21.34
C TYR B 195 6.06 12.32 20.80
N ASP B 196 5.99 13.23 19.83
CA ASP B 196 7.14 13.75 19.11
C ASP B 196 7.47 15.18 19.59
N ALA B 197 7.00 15.55 20.78
CA ALA B 197 7.12 16.92 21.29
C ALA B 197 8.60 17.32 21.47
N LYS B 198 9.48 16.33 21.68
CA LYS B 198 10.89 16.60 21.99
C LYS B 198 11.81 16.20 20.83
N ALA B 199 11.23 15.95 19.65
CA ALA B 199 11.98 15.34 18.54
C ALA B 199 13.15 16.25 18.14
N ASP B 200 12.90 17.56 18.12
CA ASP B 200 13.88 18.52 17.64
C ASP B 200 15.09 18.52 18.57
N LEU B 201 14.89 18.21 19.85
CA LEU B 201 15.99 18.15 20.82
C LEU B 201 16.94 16.99 20.47
N TRP B 202 16.40 15.86 20.04
CA TRP B 202 17.23 14.77 19.56
C TRP B 202 18.03 15.25 18.34
N SER B 203 17.34 15.87 17.38
CA SER B 203 17.95 16.26 16.11
C SER B 203 19.13 17.20 16.37
N ILE B 204 18.89 18.23 17.18
CA ILE B 204 19.89 19.23 17.48
C ILE B 204 21.10 18.52 18.13
N GLY B 205 20.83 17.48 18.92
CA GLY B 205 21.85 16.64 19.50
C GLY B 205 22.74 16.00 18.44
N THR B 206 22.12 15.38 17.43
CA THR B 206 22.86 14.68 16.37
C THR B 206 23.69 15.68 15.56
N VAL B 207 23.14 16.89 15.36
CA VAL B 207 23.78 17.90 14.57
C VAL B 207 25.01 18.42 15.33
N ILE B 208 24.84 18.74 16.61
CA ILE B 208 25.94 19.15 17.47
C ILE B 208 27.01 18.06 17.46
N TYR B 209 26.56 16.81 17.62
CA TYR B 209 27.47 15.70 17.69
C TYR B 209 28.32 15.66 16.43
N GLN B 210 27.68 15.81 15.27
CA GLN B 210 28.39 15.73 14.01
C GLN B 210 29.38 16.89 13.89
N CYS B 211 28.98 18.07 14.34
CA CYS B 211 29.84 19.27 14.34
C CYS B 211 31.14 18.99 15.10
N LEU B 212 31.01 18.28 16.22
CA LEU B 212 32.09 18.08 17.19
C LEU B 212 33.03 16.96 16.70
N VAL B 213 32.42 15.85 16.29
CA VAL B 213 33.10 14.59 16.08
C VAL B 213 33.38 14.38 14.59
N GLY B 214 32.42 14.74 13.74
CA GLY B 214 32.60 14.68 12.29
C GLY B 214 31.77 13.56 11.66
N LYS B 215 30.98 12.86 12.48
CA LYS B 215 30.02 11.91 11.98
C LYS B 215 28.79 11.94 12.89
N PRO B 216 27.63 11.45 12.44
CA PRO B 216 26.47 11.33 13.31
C PRO B 216 26.72 10.27 14.38
N PRO B 217 26.03 10.36 15.53
CA PRO B 217 26.26 9.44 16.65
C PRO B 217 25.88 7.99 16.38
N PHE B 218 24.88 7.79 15.51
CA PHE B 218 24.30 6.46 15.30
C PHE B 218 23.97 6.31 13.81
N GLN B 219 24.79 5.48 13.14
CA GLN B 219 24.63 5.12 11.73
C GLN B 219 24.20 3.66 11.66
N ALA B 220 23.64 3.25 10.51
CA ALA B 220 23.15 1.90 10.31
C ALA B 220 23.21 1.55 8.82
N ASN B 221 22.85 0.31 8.51
CA ASN B 221 22.87 -0.22 7.16
C ASN B 221 21.67 0.28 6.33
N SER B 222 20.60 0.75 7.00
CA SER B 222 19.39 1.26 6.29
C SER B 222 18.50 2.04 7.26
N PRO B 223 17.43 2.73 6.79
CA PRO B 223 16.42 3.31 7.69
C PRO B 223 15.71 2.29 8.62
N GLN B 224 15.39 1.10 8.11
CA GLN B 224 14.63 0.09 8.90
C GLN B 224 15.59 -0.62 9.89
N ASP B 225 16.90 -0.61 9.60
CA ASP B 225 17.96 -1.18 10.48
C ASP B 225 18.15 -0.27 11.71
N LEU B 226 18.08 1.04 11.52
CA LEU B 226 18.20 2.04 12.61
C LEU B 226 16.94 2.04 13.48
N ARG B 227 15.79 1.76 12.87
CA ARG B 227 14.49 1.63 13.56
C ARG B 227 14.57 0.50 14.62
N MET B 228 15.05 -0.67 14.19
CA MET B 228 15.10 -1.89 15.04
C MET B 228 16.26 -1.82 16.05
N PHE B 229 17.33 -1.10 15.71
CA PHE B 229 18.43 -0.78 16.65
C PHE B 229 17.86 -0.01 17.85
N TYR B 230 17.15 1.09 17.58
CA TYR B 230 16.55 1.95 18.63
C TYR B 230 15.45 1.18 19.37
N GLU B 231 14.66 0.40 18.61
CA GLU B 231 13.50 -0.34 19.12
C GLU B 231 13.95 -1.34 20.19
N LYS B 232 15.11 -1.98 19.96
CA LYS B 232 15.64 -3.03 20.79
C LYS B 232 16.95 -2.55 21.42
N ASN B 233 16.90 -1.37 22.06
CA ASN B 233 18.02 -0.80 22.84
C ASN B 233 17.50 0.38 23.67
N ARG B 234 16.98 0.07 24.86
CA ARG B 234 16.11 0.97 25.62
C ARG B 234 16.86 2.27 25.96
N SER B 235 18.18 2.19 26.17
CA SER B 235 19.06 3.35 26.30
C SER B 235 20.39 3.03 25.60
N LEU B 236 20.78 3.86 24.62
CA LEU B 236 22.07 3.77 23.93
C LEU B 236 22.93 4.99 24.31
N MET B 237 24.25 4.78 24.38
CA MET B 237 25.20 5.78 24.80
C MET B 237 26.14 6.14 23.64
N PRO B 238 26.22 7.42 23.22
CA PRO B 238 27.09 7.82 22.13
C PRO B 238 28.55 7.94 22.59
N SER B 239 29.50 7.72 21.66
CA SER B 239 30.91 7.88 21.97
C SER B 239 31.24 9.37 22.08
N ILE B 240 31.45 9.85 23.31
CA ILE B 240 31.89 11.22 23.56
C ILE B 240 33.42 11.26 23.61
N PRO B 241 34.10 11.96 22.67
CA PRO B 241 35.54 12.17 22.77
C PRO B 241 35.97 12.68 24.15
N ARG B 242 37.13 12.23 24.60
CA ARG B 242 37.66 12.45 25.94
C ARG B 242 38.01 13.92 26.16
N GLU B 243 38.27 14.65 25.07
CA GLU B 243 38.66 16.07 25.09
C GLU B 243 37.45 16.95 25.46
N THR B 244 36.23 16.41 25.28
CA THR B 244 34.97 17.17 25.32
C THR B 244 34.76 17.79 26.69
N SER B 245 34.43 19.09 26.71
CA SER B 245 34.19 19.83 27.95
C SER B 245 33.00 19.23 28.70
N PRO B 246 32.98 19.30 30.05
CA PRO B 246 31.91 18.73 30.84
C PRO B 246 30.51 19.20 30.41
N TYR B 247 30.38 20.49 30.08
CA TYR B 247 29.08 21.08 29.75
C TYR B 247 28.57 20.51 28.41
N LEU B 248 29.43 20.45 27.39
CA LEU B 248 29.02 19.97 26.09
C LEU B 248 28.64 18.48 26.19
N ALA B 249 29.40 17.75 26.99
CA ALA B 249 29.18 16.32 27.17
C ALA B 249 27.83 16.10 27.85
N ASN B 250 27.55 16.89 28.89
CA ASN B 250 26.28 16.80 29.63
C ASN B 250 25.14 17.05 28.63
N LEU B 251 25.30 18.08 27.78
CA LEU B 251 24.30 18.48 26.83
C LEU B 251 24.00 17.34 25.84
N LEU B 252 25.05 16.78 25.24
CA LEU B 252 24.90 15.72 24.24
C LEU B 252 24.20 14.50 24.87
N LEU B 253 24.56 14.17 26.11
CA LEU B 253 24.04 12.95 26.76
C LEU B 253 22.56 13.10 27.05
N GLY B 254 22.13 14.34 27.37
CA GLY B 254 20.76 14.64 27.73
C GLY B 254 19.86 14.82 26.51
N LEU B 255 20.46 15.23 25.38
CA LEU B 255 19.73 15.36 24.12
C LEU B 255 19.59 13.99 23.46
N LEU B 256 20.66 13.17 23.53
CA LEU B 256 20.69 11.90 22.81
C LEU B 256 20.19 10.77 23.70
N GLN B 257 18.96 10.93 24.23
CA GLN B 257 18.22 9.89 24.96
C GLN B 257 17.12 9.31 24.04
N ARG B 258 17.18 8.00 23.80
CA ARG B 258 16.28 7.27 22.91
C ARG B 258 14.82 7.50 23.34
N ASN B 259 14.56 7.59 24.64
CA ASN B 259 13.20 7.73 25.14
CA ASN B 259 13.20 7.74 25.15
C ASN B 259 12.96 9.20 25.54
N GLN B 260 11.90 9.77 24.97
CA GLN B 260 11.53 11.19 25.19
C GLN B 260 11.20 11.40 26.68
N LYS B 261 10.69 10.34 27.31
CA LYS B 261 10.54 10.23 28.77
C LYS B 261 11.83 10.72 29.49
N ASP B 262 13.01 10.31 28.99
CA ASP B 262 14.30 10.48 29.67
C ASP B 262 15.13 11.64 29.09
N ARG B 263 14.64 12.26 28.00
CA ARG B 263 15.40 13.25 27.25
C ARG B 263 15.23 14.62 27.91
N MET B 264 16.34 15.36 28.00
CA MET B 264 16.34 16.74 28.44
C MET B 264 15.14 17.46 27.81
N ASP B 265 14.40 18.22 28.63
CA ASP B 265 13.27 19.01 28.11
C ASP B 265 13.74 20.43 27.79
N PHE B 266 12.87 21.20 27.14
CA PHE B 266 13.24 22.43 26.47
C PHE B 266 13.85 23.43 27.48
N GLU B 267 13.26 23.52 28.67
CA GLU B 267 13.63 24.56 29.64
C GLU B 267 15.06 24.30 30.14
N ALA B 268 15.43 23.02 30.29
CA ALA B 268 16.79 22.63 30.64
C ALA B 268 17.75 23.02 29.50
N PHE B 269 17.31 22.80 28.26
CA PHE B 269 18.11 23.05 27.05
C PHE B 269 18.35 24.55 26.84
N PHE B 270 17.28 25.36 26.89
CA PHE B 270 17.37 26.82 26.61
C PHE B 270 18.29 27.50 27.63
N SER B 271 18.31 26.96 28.84
CA SER B 271 19.03 27.57 29.95
C SER B 271 20.29 26.76 30.31
N HIS B 272 20.77 25.94 29.37
CA HIS B 272 21.85 25.00 29.64
C HIS B 272 23.16 25.75 29.82
N PRO B 273 23.95 25.40 30.85
CA PRO B 273 25.27 26.02 31.09
C PRO B 273 26.15 26.22 29.84
N PHE B 274 26.13 25.25 28.92
CA PHE B 274 26.98 25.28 27.73
C PHE B 274 26.70 26.50 26.85
N LEU B 275 25.49 27.05 26.92
CA LEU B 275 25.03 28.08 26.00
C LEU B 275 25.44 29.49 26.45
N GLU B 276 26.01 29.61 27.65
CA GLU B 276 26.28 30.91 28.28
C GLU B 276 27.68 30.88 28.89
N GLN B 277 28.68 30.51 28.08
CA GLN B 277 30.03 30.19 28.55
C GLN B 277 31.01 30.10 27.36
N GLY C 2 5.92 12.74 -7.37
CA GLY C 2 6.48 13.45 -8.58
C GLY C 2 7.59 14.45 -8.24
N GLY C 3 8.62 13.97 -7.50
CA GLY C 3 9.82 14.76 -7.17
C GLY C 3 10.95 14.56 -8.18
N SER C 4 11.98 15.42 -8.08
CA SER C 4 13.32 15.29 -8.73
C SER C 4 13.73 13.82 -8.85
N MET C 5 13.95 13.37 -10.10
CA MET C 5 14.48 12.07 -10.38
C MET C 5 15.91 12.16 -10.92
N GLU C 6 16.78 11.28 -10.43
CA GLU C 6 18.08 10.97 -11.00
C GLU C 6 17.90 9.94 -12.11
N VAL C 7 18.62 10.12 -13.21
CA VAL C 7 18.47 9.28 -14.37
C VAL C 7 19.65 8.31 -14.44
N VAL C 8 19.33 7.04 -14.72
CA VAL C 8 20.27 5.97 -14.89
C VAL C 8 19.87 5.17 -16.13
N GLY C 9 20.51 5.47 -17.26
CA GLY C 9 20.10 4.93 -18.55
C GLY C 9 18.62 5.12 -18.77
N ASP C 10 17.89 4.02 -18.99
CA ASP C 10 16.44 4.04 -19.28
C ASP C 10 15.62 4.05 -18.00
N PHE C 11 16.28 4.12 -16.84
CA PHE C 11 15.62 4.06 -15.54
C PHE C 11 15.85 5.37 -14.78
N GLU C 12 15.08 5.58 -13.72
CA GLU C 12 15.20 6.76 -12.89
C GLU C 12 14.81 6.40 -11.45
N TYR C 13 15.25 7.23 -10.49
CA TYR C 13 14.92 7.04 -9.10
C TYR C 13 14.98 8.38 -8.36
N SER C 14 14.32 8.43 -7.20
CA SER C 14 14.41 9.54 -6.28
C SER C 14 15.27 9.12 -5.09
N LYS C 15 16.15 10.03 -4.61
CA LYS C 15 17.05 9.76 -3.47
C LYS C 15 16.23 9.60 -2.17
N ARG C 16 15.00 10.09 -2.17
CA ARG C 16 14.10 9.94 -1.04
C ARG C 16 13.74 8.46 -0.86
N ASP C 17 13.69 7.70 -1.96
CA ASP C 17 13.13 6.34 -1.99
C ASP C 17 14.24 5.33 -1.72
N LEU C 18 14.90 5.51 -0.57
CA LEU C 18 16.02 4.71 -0.11
C LEU C 18 15.50 3.39 0.42
N VAL C 19 16.16 2.29 0.05
CA VAL C 19 15.81 0.95 0.53
C VAL C 19 16.75 0.58 1.67
N GLY C 20 18.06 0.76 1.46
CA GLY C 20 19.07 0.57 2.49
C GLY C 20 20.46 0.89 2.00
N HIS C 21 21.40 1.01 2.95
CA HIS C 21 22.83 1.04 2.67
C HIS C 21 23.38 -0.39 2.72
N GLY C 22 24.41 -0.64 1.92
CA GLY C 22 25.40 -1.66 2.18
C GLY C 22 26.65 -1.02 2.75
N ALA C 23 27.72 -1.81 2.86
CA ALA C 23 29.00 -1.26 3.26
C ALA C 23 29.53 -0.36 2.13
N PHE C 24 29.28 -0.74 0.86
CA PHE C 24 29.90 -0.09 -0.31
C PHE C 24 28.84 0.45 -1.28
N ALA C 25 27.59 -0.02 -1.14
CA ALA C 25 26.52 0.31 -2.08
C ALA C 25 25.35 0.95 -1.34
N VAL C 26 24.65 1.88 -2.00
CA VAL C 26 23.36 2.40 -1.55
C VAL C 26 22.29 1.93 -2.55
N VAL C 27 21.11 1.55 -2.04
CA VAL C 27 20.07 0.95 -2.88
C VAL C 27 18.79 1.76 -2.79
N PHE C 28 18.24 2.11 -3.96
CA PHE C 28 17.02 2.91 -4.08
C PHE C 28 15.97 2.12 -4.86
N ARG C 29 14.70 2.41 -4.57
CA ARG C 29 13.59 1.98 -5.42
C ARG C 29 13.54 2.96 -6.60
N GLY C 30 13.49 2.43 -7.82
CA GLY C 30 13.33 3.22 -8.99
C GLY C 30 12.25 2.64 -9.88
N ARG C 31 12.22 3.15 -11.11
CA ARG C 31 11.35 2.62 -12.12
C ARG C 31 11.99 2.86 -13.49
N HIS C 32 11.47 2.16 -14.49
CA HIS C 32 11.70 2.47 -15.90
C HIS C 32 11.06 3.82 -16.20
N ARG C 33 11.66 4.56 -17.13
CA ARG C 33 11.27 5.93 -17.38
C ARG C 33 9.99 5.96 -18.23
N GLN C 34 9.81 5.00 -19.13
CA GLN C 34 8.59 4.90 -19.94
C GLN C 34 7.58 3.99 -19.25
N LYS C 35 7.99 2.77 -18.94
CA LYS C 35 7.17 1.78 -18.29
C LYS C 35 7.25 1.99 -16.78
N THR C 36 6.59 3.03 -16.26
CA THR C 36 6.79 3.52 -14.90
C THR C 36 6.20 2.57 -13.86
N ASP C 37 5.39 1.60 -14.31
CA ASP C 37 4.79 0.60 -13.41
C ASP C 37 5.84 -0.48 -13.08
N TRP C 38 6.90 -0.54 -13.89
CA TRP C 38 8.01 -1.46 -13.70
C TRP C 38 8.99 -0.91 -12.65
N GLU C 39 8.91 -1.45 -11.43
CA GLU C 39 9.77 -1.03 -10.34
C GLU C 39 11.10 -1.80 -10.43
N VAL C 40 12.19 -1.12 -10.06
CA VAL C 40 13.50 -1.72 -10.04
C VAL C 40 14.23 -1.25 -8.79
N ALA C 41 15.24 -2.03 -8.41
CA ALA C 41 16.22 -1.62 -7.43
C ALA C 41 17.43 -1.07 -8.16
N ILE C 42 17.90 0.09 -7.71
CA ILE C 42 19.09 0.69 -8.27
C ILE C 42 20.18 0.79 -7.18
N LYS C 43 21.27 0.02 -7.35
CA LYS C 43 22.44 0.09 -6.47
C LYS C 43 23.42 1.13 -7.01
N SER C 44 23.76 2.10 -6.17
CA SER C 44 24.84 3.02 -6.42
C SER C 44 26.06 2.58 -5.63
N ILE C 45 27.19 2.45 -6.33
CA ILE C 45 28.43 1.98 -5.75
C ILE C 45 29.52 3.00 -6.02
N ASN C 46 30.04 3.63 -4.95
CA ASN C 46 31.15 4.56 -5.07
C ASN C 46 32.39 3.77 -5.51
N LYS C 47 33.06 4.24 -6.58
CA LYS C 47 34.16 3.48 -7.22
C LYS C 47 35.42 3.49 -6.32
N LYS C 48 35.66 4.61 -5.62
CA LYS C 48 36.86 4.74 -4.78
C LYS C 48 36.73 3.88 -3.51
N ASN C 49 35.54 3.87 -2.90
CA ASN C 49 35.30 3.02 -1.73
C ASN C 49 35.51 1.56 -2.14
N LEU C 50 34.99 1.20 -3.30
CA LEU C 50 35.00 -0.18 -3.80
C LEU C 50 36.44 -0.64 -4.04
N SER C 51 37.30 0.29 -4.49
CA SER C 51 38.68 -0.04 -4.82
C SER C 51 39.51 -0.23 -3.54
N LYS C 52 38.97 0.17 -2.38
CA LYS C 52 39.63 -0.02 -1.05
C LYS C 52 39.02 -1.22 -0.31
N SER C 53 38.17 -1.97 -1.01
CA SER C 53 37.56 -3.20 -0.48
C SER C 53 38.15 -4.40 -1.22
N GLN C 54 37.72 -5.59 -0.84
CA GLN C 54 38.12 -6.80 -1.55
C GLN C 54 36.96 -7.30 -2.41
N ILE C 55 35.97 -6.43 -2.66
CA ILE C 55 34.77 -6.80 -3.41
C ILE C 55 35.13 -6.85 -4.90
N LEU C 56 34.70 -7.94 -5.56
CA LEU C 56 34.87 -8.16 -6.97
C LEU C 56 33.51 -7.99 -7.67
N LEU C 57 33.17 -6.74 -7.98
CA LEU C 57 31.91 -6.41 -8.62
C LEU C 57 31.83 -7.04 -10.01
N GLY C 58 32.97 -7.06 -10.73
CA GLY C 58 33.07 -7.70 -12.02
C GLY C 58 32.57 -9.14 -11.96
N LYS C 59 32.94 -9.85 -10.89
CA LYS C 59 32.53 -11.22 -10.69
C LYS C 59 31.03 -11.32 -10.42
N GLU C 60 30.50 -10.47 -9.53
CA GLU C 60 29.09 -10.48 -9.18
C GLU C 60 28.26 -10.26 -10.46
N ILE C 61 28.71 -9.32 -11.31
CA ILE C 61 28.02 -8.96 -12.54
C ILE C 61 28.06 -10.15 -13.49
N LYS C 62 29.22 -10.78 -13.62
CA LYS C 62 29.43 -11.90 -14.52
C LYS C 62 28.51 -13.07 -14.11
N ILE C 63 28.38 -13.29 -12.81
CA ILE C 63 27.60 -14.38 -12.28
C ILE C 63 26.10 -14.08 -12.44
N LEU C 64 25.70 -12.83 -12.17
CA LEU C 64 24.29 -12.43 -12.31
C LEU C 64 23.84 -12.55 -13.78
N LYS C 65 24.72 -12.19 -14.72
CA LYS C 65 24.42 -12.27 -16.16
C LYS C 65 24.24 -13.74 -16.56
N GLU C 66 25.06 -14.60 -15.99
CA GLU C 66 25.09 -16.02 -16.33
C GLU C 66 23.81 -16.69 -15.84
N LEU C 67 23.27 -16.19 -14.72
CA LEU C 67 22.05 -16.72 -14.14
C LEU C 67 20.86 -15.95 -14.72
N GLN C 68 19.80 -16.70 -15.01
CA GLN C 68 18.60 -16.14 -15.46
C GLN C 68 17.48 -17.07 -15.01
N HIS C 69 16.95 -16.78 -13.83
CA HIS C 69 16.02 -17.61 -13.20
C HIS C 69 15.05 -16.78 -12.37
N GLU C 70 13.80 -17.25 -12.27
CA GLU C 70 12.73 -16.54 -11.57
C GLU C 70 12.98 -16.50 -10.05
N ASN C 71 13.90 -17.34 -9.55
CA ASN C 71 14.22 -17.42 -8.13
C ASN C 71 15.63 -16.88 -7.86
N ILE C 72 16.16 -16.11 -8.82
CA ILE C 72 17.45 -15.45 -8.70
C ILE C 72 17.30 -14.00 -9.16
N VAL C 73 17.72 -13.07 -8.31
CA VAL C 73 17.50 -11.66 -8.53
C VAL C 73 18.11 -11.29 -9.89
N ALA C 74 17.30 -10.63 -10.73
CA ALA C 74 17.67 -10.28 -12.09
C ALA C 74 18.57 -9.04 -12.09
N LEU C 75 19.54 -9.01 -13.02
CA LEU C 75 20.26 -7.80 -13.39
C LEU C 75 19.78 -7.32 -14.77
N TYR C 76 19.32 -6.08 -14.86
CA TYR C 76 18.78 -5.52 -16.12
C TYR C 76 19.79 -4.62 -16.84
N ASP C 77 20.63 -3.90 -16.08
CA ASP C 77 21.50 -2.92 -16.69
C ASP C 77 22.62 -2.53 -15.72
N VAL C 78 23.74 -2.11 -16.30
CA VAL C 78 24.89 -1.55 -15.60
C VAL C 78 25.26 -0.22 -16.27
N GLN C 79 25.34 0.86 -15.49
CA GLN C 79 25.77 2.19 -15.99
C GLN C 79 26.99 2.64 -15.18
N GLU C 80 28.06 3.01 -15.87
CA GLU C 80 29.30 3.41 -15.24
C GLU C 80 29.47 4.93 -15.43
N LEU C 81 29.51 5.66 -14.32
CA LEU C 81 29.99 7.06 -14.30
C LEU C 81 31.44 7.09 -13.81
N PRO C 82 32.15 8.25 -13.89
CA PRO C 82 33.53 8.32 -13.41
C PRO C 82 33.65 8.12 -11.88
N ASN C 83 32.60 8.52 -11.15
CA ASN C 83 32.51 8.46 -9.67
C ASN C 83 31.95 7.09 -9.20
N SER C 84 30.95 6.57 -9.92
CA SER C 84 30.00 5.57 -9.40
C SER C 84 29.73 4.46 -10.44
N VAL C 85 29.26 3.30 -9.98
CA VAL C 85 28.67 2.30 -10.85
C VAL C 85 27.23 2.07 -10.39
N PHE C 86 26.32 1.93 -11.35
CA PHE C 86 24.91 1.72 -11.05
C PHE C 86 24.48 0.35 -11.58
N LEU C 87 23.87 -0.46 -10.70
CA LEU C 87 23.26 -1.70 -11.08
C LEU C 87 21.73 -1.53 -10.99
N VAL C 88 21.06 -1.80 -12.12
CA VAL C 88 19.61 -1.84 -12.12
C VAL C 88 19.18 -3.29 -12.01
N MET C 89 18.47 -3.61 -10.92
CA MET C 89 18.13 -4.97 -10.59
C MET C 89 16.65 -5.09 -10.30
N GLU C 90 16.20 -6.34 -10.28
CA GLU C 90 14.85 -6.68 -9.93
C GLU C 90 14.57 -6.14 -8.52
N TYR C 91 13.44 -5.46 -8.35
CA TYR C 91 13.00 -5.02 -7.06
C TYR C 91 12.16 -6.11 -6.40
N CYS C 92 12.56 -6.51 -5.20
CA CYS C 92 11.82 -7.46 -4.41
C CYS C 92 11.11 -6.71 -3.29
N ASN C 93 9.78 -6.63 -3.39
CA ASN C 93 8.97 -5.71 -2.59
C ASN C 93 8.66 -6.28 -1.21
N GLY C 94 9.23 -7.44 -0.87
CA GLY C 94 8.95 -8.13 0.42
C GLY C 94 10.09 -8.06 1.43
N GLY C 95 11.21 -7.44 1.05
CA GLY C 95 12.41 -7.37 1.88
C GLY C 95 13.12 -8.71 1.96
N ASP C 96 13.85 -8.93 3.06
CA ASP C 96 14.65 -10.15 3.22
C ASP C 96 13.89 -11.13 4.11
N LEU C 97 14.26 -12.40 3.98
CA LEU C 97 13.68 -13.49 4.76
C LEU C 97 13.93 -13.27 6.25
N ALA C 98 15.07 -12.64 6.57
CA ALA C 98 15.48 -12.35 7.97
C ALA C 98 14.37 -11.55 8.68
N ASP C 99 13.88 -10.51 8.02
CA ASP C 99 12.84 -9.62 8.54
C ASP C 99 11.49 -10.34 8.54
N TYR C 100 11.26 -11.20 7.55
CA TYR C 100 10.04 -11.98 7.48
C TYR C 100 9.93 -12.91 8.69
N LEU C 101 11.05 -13.55 9.07
CA LEU C 101 11.09 -14.49 10.19
C LEU C 101 10.93 -13.74 11.52
N GLN C 102 11.54 -12.54 11.60
CA GLN C 102 11.40 -11.61 12.73
C GLN C 102 9.90 -11.34 12.97
N ALA C 103 9.13 -11.21 11.88
CA ALA C 103 7.73 -10.80 11.92
C ALA C 103 6.82 -11.98 12.26
N LYS C 104 7.16 -13.20 11.78
CA LYS C 104 6.26 -14.36 11.84
C LYS C 104 6.70 -15.36 12.93
N GLY C 105 7.99 -15.33 13.30
CA GLY C 105 8.59 -16.25 14.26
C GLY C 105 9.00 -17.57 13.60
N THR C 106 8.06 -18.50 13.52
CA THR C 106 8.27 -19.80 12.91
C THR C 106 7.24 -20.00 11.81
N LEU C 107 7.53 -20.95 10.91
CA LEU C 107 6.72 -21.23 9.74
C LEU C 107 6.28 -22.69 9.76
N SER C 108 5.05 -22.96 9.32
CA SER C 108 4.55 -24.30 9.07
C SER C 108 5.46 -25.03 8.07
N GLU C 109 5.48 -26.35 8.17
CA GLU C 109 6.20 -27.19 7.24
C GLU C 109 5.66 -26.96 5.82
N ASP C 110 4.35 -26.69 5.70
CA ASP C 110 3.73 -26.38 4.40
C ASP C 110 4.43 -25.16 3.79
N THR C 111 4.56 -24.09 4.57
CA THR C 111 5.19 -22.85 4.13
C THR C 111 6.65 -23.10 3.75
N ILE C 112 7.36 -23.89 4.58
CA ILE C 112 8.79 -24.13 4.41
C ILE C 112 9.02 -24.89 3.09
N ARG C 113 8.10 -25.80 2.76
CA ARG C 113 8.18 -26.62 1.54
C ARG C 113 8.10 -25.71 0.30
N VAL C 114 7.24 -24.71 0.38
CA VAL C 114 7.02 -23.78 -0.72
C VAL C 114 8.29 -22.95 -0.95
N PHE C 115 8.86 -22.42 0.14
CA PHE C 115 10.09 -21.62 0.09
C PHE C 115 11.25 -22.48 -0.43
N LEU C 116 11.30 -23.73 0.03
CA LEU C 116 12.43 -24.59 -0.20
C LEU C 116 12.40 -25.11 -1.63
N HIS C 117 11.18 -25.34 -2.15
CA HIS C 117 11.01 -25.72 -3.53
C HIS C 117 11.68 -24.66 -4.44
N GLN C 118 11.49 -23.38 -4.08
CA GLN C 118 11.97 -22.28 -4.90
C GLN C 118 13.50 -22.16 -4.74
N ILE C 119 13.98 -22.24 -3.50
CA ILE C 119 15.40 -22.17 -3.23
C ILE C 119 16.12 -23.27 -4.03
N ALA C 120 15.55 -24.47 -4.00
CA ALA C 120 16.09 -25.63 -4.66
C ALA C 120 16.15 -25.41 -6.18
N ALA C 121 15.11 -24.77 -6.72
CA ALA C 121 15.07 -24.46 -8.15
C ALA C 121 16.25 -23.53 -8.51
N ALA C 122 16.55 -22.56 -7.64
CA ALA C 122 17.69 -21.65 -7.82
C ALA C 122 19.01 -22.42 -7.74
N MET C 123 19.09 -23.33 -6.77
CA MET C 123 20.30 -24.10 -6.54
C MET C 123 20.61 -24.98 -7.78
N ARG C 124 19.56 -25.54 -8.39
CA ARG C 124 19.72 -26.39 -9.57
C ARG C 124 20.50 -25.62 -10.64
N ILE C 125 20.17 -24.34 -10.82
CA ILE C 125 20.84 -23.50 -11.80
C ILE C 125 22.28 -23.24 -11.36
N LEU C 126 22.48 -22.85 -10.10
CA LEU C 126 23.82 -22.59 -9.58
C LEU C 126 24.71 -23.81 -9.85
N HIS C 127 24.18 -24.99 -9.47
CA HIS C 127 24.93 -26.26 -9.48
C HIS C 127 25.31 -26.65 -10.91
N SER C 128 24.39 -26.44 -11.86
CA SER C 128 24.61 -26.81 -13.23
C SER C 128 25.65 -25.90 -13.90
N LYS C 129 25.81 -24.67 -13.40
CA LYS C 129 26.84 -23.71 -13.90
C LYS C 129 28.13 -23.79 -13.05
N GLY C 130 28.12 -24.62 -12.01
CA GLY C 130 29.29 -24.82 -11.16
C GLY C 130 29.61 -23.61 -10.31
N ILE C 131 28.57 -22.94 -9.80
CA ILE C 131 28.73 -21.76 -8.96
C ILE C 131 28.28 -22.12 -7.53
N ILE C 132 29.12 -21.75 -6.58
CA ILE C 132 28.85 -21.90 -5.18
C ILE C 132 28.62 -20.49 -4.61
N HIS C 133 27.53 -20.33 -3.85
CA HIS C 133 27.14 -19.04 -3.31
C HIS C 133 28.01 -18.70 -2.08
N ARG C 134 28.06 -19.64 -1.13
CA ARG C 134 28.97 -19.64 0.04
C ARG C 134 28.46 -18.71 1.16
N ASP C 135 27.42 -17.92 0.90
CA ASP C 135 26.97 -16.91 1.84
C ASP C 135 25.45 -16.84 1.86
N LEU C 136 24.77 -17.97 1.59
CA LEU C 136 23.33 -18.03 1.71
C LEU C 136 22.96 -17.83 3.18
N LYS C 137 21.99 -16.95 3.41
CA LYS C 137 21.48 -16.71 4.73
C LYS C 137 20.18 -15.93 4.57
N PRO C 138 19.35 -15.79 5.62
CA PRO C 138 18.07 -15.11 5.51
C PRO C 138 18.18 -13.68 4.96
N GLN C 139 19.29 -12.98 5.26
CA GLN C 139 19.51 -11.59 4.81
C GLN C 139 19.70 -11.55 3.29
N ASN C 140 20.11 -12.68 2.69
CA ASN C 140 20.46 -12.77 1.28
C ASN C 140 19.37 -13.54 0.51
N ILE C 141 18.22 -13.76 1.13
CA ILE C 141 17.09 -14.35 0.46
C ILE C 141 15.95 -13.35 0.48
N LEU C 142 15.59 -12.85 -0.71
CA LEU C 142 14.68 -11.73 -0.83
C LEU C 142 13.31 -12.26 -1.24
N LEU C 143 12.29 -11.45 -0.97
CA LEU C 143 10.90 -11.85 -1.05
C LEU C 143 10.17 -10.92 -2.01
N SER C 144 9.38 -11.51 -2.91
CA SER C 144 8.53 -10.79 -3.83
C SER C 144 7.09 -11.34 -3.72
N TYR C 145 6.11 -10.43 -3.53
CA TYR C 145 4.69 -10.76 -3.38
C TYR C 145 3.94 -10.50 -4.69
N ALA C 146 2.86 -11.26 -4.95
CA ALA C 146 1.81 -10.89 -5.93
C ALA C 146 0.93 -9.73 -5.41
N ASN C 147 0.09 -9.99 -4.38
CA ASN C 147 -0.68 -8.94 -3.67
C ASN C 147 -1.16 -9.46 -2.31
N GLY C 155 1.42 -16.59 -1.83
CA GLY C 155 1.83 -16.06 -3.13
C GLY C 155 3.17 -15.33 -3.05
N ILE C 156 4.05 -15.79 -2.17
CA ILE C 156 5.40 -15.25 -2.06
C ILE C 156 6.31 -16.00 -3.02
N ARG C 157 7.15 -15.25 -3.73
CA ARG C 157 8.20 -15.79 -4.56
C ARG C 157 9.57 -15.39 -3.98
N ILE C 158 10.50 -16.35 -3.97
CA ILE C 158 11.82 -16.26 -3.34
C ILE C 158 12.84 -15.87 -4.40
N LYS C 159 13.81 -15.01 -4.03
CA LYS C 159 14.89 -14.62 -4.93
C LYS C 159 16.22 -14.58 -4.17
N ILE C 160 17.16 -15.44 -4.58
CA ILE C 160 18.53 -15.48 -4.06
C ILE C 160 19.28 -14.24 -4.54
N ALA C 161 20.04 -13.62 -3.64
CA ALA C 161 20.79 -12.42 -3.92
C ALA C 161 22.17 -12.51 -3.25
N ASP C 162 23.04 -11.55 -3.59
CA ASP C 162 24.36 -11.32 -2.99
C ASP C 162 25.32 -12.44 -3.38
N PHE C 163 25.92 -12.32 -4.55
CA PHE C 163 26.90 -13.26 -5.02
C PHE C 163 28.30 -12.70 -4.77
N GLY C 164 28.43 -11.85 -3.74
CA GLY C 164 29.67 -11.19 -3.37
C GLY C 164 30.76 -12.17 -2.97
N PHE C 165 30.36 -13.28 -2.34
CA PHE C 165 31.26 -14.26 -1.79
C PHE C 165 31.30 -15.51 -2.70
N ALA C 166 30.56 -15.47 -3.82
CA ALA C 166 30.37 -16.65 -4.67
C ALA C 166 31.66 -17.00 -5.41
N ARG C 167 31.78 -18.25 -5.86
CA ARG C 167 32.93 -18.64 -6.63
C ARG C 167 32.55 -19.78 -7.58
N TYR C 168 33.35 -19.91 -8.64
CA TYR C 168 33.24 -20.93 -9.63
C TYR C 168 34.08 -22.14 -9.22
N LEU C 169 33.55 -23.35 -9.40
CA LEU C 169 34.33 -24.60 -9.26
C LEU C 169 35.18 -24.80 -10.52
N HIS C 170 36.52 -24.84 -10.37
CA HIS C 170 37.41 -24.95 -11.53
C HIS C 170 37.78 -26.43 -11.74
N SER C 171 38.49 -26.70 -12.85
CA SER C 171 39.32 -27.93 -13.03
C SER C 171 40.67 -27.74 -12.33
N SER C 181 51.09 -28.63 -16.72
CA SER C 181 52.13 -28.54 -15.69
C SER C 181 51.55 -27.89 -14.44
N PRO C 182 50.92 -28.65 -13.50
CA PRO C 182 50.59 -28.15 -12.17
C PRO C 182 51.67 -28.49 -11.14
N MET C 183 52.93 -28.70 -11.59
CA MET C 183 54.01 -29.19 -10.74
C MET C 183 54.39 -28.12 -9.70
N TYR C 184 54.10 -26.87 -10.04
CA TYR C 184 54.56 -25.72 -9.28
C TYR C 184 53.49 -25.28 -8.28
N MET C 185 52.32 -25.91 -8.34
CA MET C 185 51.21 -25.49 -7.56
C MET C 185 51.24 -26.19 -6.19
N ALA C 186 50.90 -25.43 -5.15
CA ALA C 186 50.99 -25.88 -3.76
C ALA C 186 50.07 -27.07 -3.56
N PRO C 187 50.55 -28.13 -2.87
CA PRO C 187 49.75 -29.34 -2.67
C PRO C 187 48.39 -29.07 -2.03
N GLU C 188 48.36 -28.16 -1.05
CA GLU C 188 47.12 -27.83 -0.36
C GLU C 188 46.10 -27.31 -1.39
N VAL C 189 46.56 -26.59 -2.42
CA VAL C 189 45.68 -26.01 -3.43
C VAL C 189 45.16 -27.10 -4.36
N ILE C 190 46.06 -27.96 -4.86
CA ILE C 190 45.68 -29.09 -5.70
C ILE C 190 44.58 -29.90 -4.98
N MET C 191 44.89 -30.26 -3.72
CA MET C 191 44.10 -31.22 -2.94
C MET C 191 42.79 -30.60 -2.45
N SER C 192 42.70 -29.26 -2.37
CA SER C 192 41.56 -28.60 -1.72
C SER C 192 40.45 -28.27 -2.74
N GLN C 193 40.65 -28.65 -3.99
CA GLN C 193 39.62 -28.45 -5.01
C GLN C 193 38.33 -29.15 -4.55
N HIS C 194 37.19 -28.44 -4.68
CA HIS C 194 35.84 -28.97 -4.39
C HIS C 194 35.59 -29.14 -2.87
N TYR C 195 36.47 -28.62 -2.01
CA TYR C 195 36.29 -28.74 -0.53
C TYR C 195 34.99 -28.04 -0.10
N ASP C 196 34.64 -26.94 -0.78
CA ASP C 196 33.49 -26.13 -0.39
C ASP C 196 32.32 -26.35 -1.35
N ALA C 197 32.35 -27.47 -2.08
CA ALA C 197 31.35 -27.78 -3.13
C ALA C 197 29.93 -27.88 -2.55
N LYS C 198 29.82 -28.24 -1.27
CA LYS C 198 28.56 -28.56 -0.62
C LYS C 198 28.18 -27.49 0.41
N ALA C 199 28.90 -26.36 0.40
CA ALA C 199 28.70 -25.33 1.44
C ALA C 199 27.24 -24.86 1.48
N ASP C 200 26.64 -24.67 0.30
CA ASP C 200 25.34 -24.08 0.20
C ASP C 200 24.30 -25.00 0.85
N LEU C 201 24.55 -26.31 0.80
CA LEU C 201 23.63 -27.28 1.39
C LEU C 201 23.61 -27.13 2.92
N TRP C 202 24.76 -26.85 3.53
CA TRP C 202 24.79 -26.56 4.95
C TRP C 202 23.94 -25.34 5.24
N SER C 203 24.16 -24.27 4.47
CA SER C 203 23.52 -23.00 4.69
C SER C 203 22.00 -23.16 4.64
N ILE C 204 21.53 -23.82 3.58
CA ILE C 204 20.11 -24.04 3.36
C ILE C 204 19.54 -24.78 4.59
N GLY C 205 20.34 -25.70 5.13
CA GLY C 205 19.99 -26.41 6.35
C GLY C 205 19.73 -25.48 7.52
N THR C 206 20.67 -24.54 7.76
CA THR C 206 20.57 -23.61 8.88
C THR C 206 19.35 -22.70 8.71
N VAL C 207 19.06 -22.32 7.47
CA VAL C 207 17.99 -21.40 7.15
C VAL C 207 16.66 -22.10 7.40
N ILE C 208 16.53 -23.33 6.89
CA ILE C 208 15.34 -24.14 7.10
C ILE C 208 15.16 -24.34 8.61
N TYR C 209 16.26 -24.66 9.29
CA TYR C 209 16.21 -24.93 10.71
C TYR C 209 15.63 -23.71 11.42
N GLN C 210 16.12 -22.52 11.08
CA GLN C 210 15.66 -21.31 11.74
C GLN C 210 14.18 -21.09 11.45
N CYS C 211 13.75 -21.35 10.20
CA CYS C 211 12.35 -21.20 9.79
C CYS C 211 11.45 -22.04 10.70
N LEU C 212 11.92 -23.25 11.04
CA LEU C 212 11.12 -24.28 11.69
C LEU C 212 11.09 -24.01 13.20
N VAL C 213 12.26 -23.76 13.76
CA VAL C 213 12.50 -23.78 15.19
C VAL C 213 12.48 -22.35 15.75
N GLY C 214 13.08 -21.40 15.01
CA GLY C 214 13.01 -19.99 15.37
C GLY C 214 14.35 -19.45 15.85
N LYS C 215 15.37 -20.28 15.77
CA LYS C 215 16.74 -19.85 15.97
C LYS C 215 17.64 -20.70 15.10
N PRO C 216 18.86 -20.25 14.77
CA PRO C 216 19.81 -21.08 14.05
C PRO C 216 20.25 -22.27 14.90
N PRO C 217 20.69 -23.37 14.27
CA PRO C 217 21.04 -24.59 15.01
C PRO C 217 22.27 -24.47 15.91
N PHE C 218 23.18 -23.55 15.58
CA PHE C 218 24.45 -23.42 16.28
C PHE C 218 24.78 -21.93 16.46
N GLN C 219 24.65 -21.44 17.69
CA GLN C 219 24.82 -20.02 18.01
C GLN C 219 26.13 -19.83 18.79
N ALA C 220 26.71 -18.63 18.69
CA ALA C 220 27.95 -18.34 19.36
C ALA C 220 28.07 -16.84 19.63
N ASN C 221 29.01 -16.51 20.52
CA ASN C 221 29.18 -15.15 21.04
C ASN C 221 29.97 -14.28 20.04
N SER C 222 30.69 -14.93 19.10
CA SER C 222 31.57 -14.23 18.17
C SER C 222 31.92 -15.13 16.99
N PRO C 223 32.53 -14.59 15.91
CA PRO C 223 33.06 -15.41 14.82
C PRO C 223 34.11 -16.47 15.25
N GLN C 224 35.02 -16.10 16.17
CA GLN C 224 36.12 -16.99 16.58
C GLN C 224 35.62 -18.07 17.53
N ASP C 225 34.50 -17.81 18.22
CA ASP C 225 33.86 -18.77 19.15
C ASP C 225 33.19 -19.90 18.35
N LEU C 226 32.57 -19.55 17.22
CA LEU C 226 31.89 -20.51 16.33
C LEU C 226 32.92 -21.34 15.55
N ARG C 227 34.08 -20.73 15.25
CA ARG C 227 35.19 -21.40 14.56
C ARG C 227 35.67 -22.59 15.40
N MET C 228 35.92 -22.35 16.70
CA MET C 228 36.54 -23.35 17.59
C MET C 228 35.48 -24.37 18.05
N PHE C 229 34.20 -23.97 18.08
CA PHE C 229 33.06 -24.92 18.29
C PHE C 229 33.10 -26.00 17.19
N TYR C 230 33.10 -25.56 15.93
CA TYR C 230 33.07 -26.46 14.76
C TYR C 230 34.37 -27.25 14.68
N GLU C 231 35.48 -26.56 14.98
CA GLU C 231 36.84 -27.11 14.87
C GLU C 231 37.00 -28.32 15.80
N LYS C 232 36.40 -28.23 17.00
CA LYS C 232 36.54 -29.23 18.04
C LYS C 232 35.16 -29.85 18.30
N ASN C 233 34.52 -30.33 17.23
CA ASN C 233 33.25 -31.08 17.33
C ASN C 233 33.04 -31.90 16.06
N ARG C 234 33.65 -33.09 16.03
CA ARG C 234 33.85 -33.85 14.80
C ARG C 234 32.49 -34.28 14.22
N SER C 235 31.50 -34.50 15.10
CA SER C 235 30.13 -34.81 14.69
C SER C 235 29.15 -34.00 15.56
N LEU C 236 28.30 -33.21 14.89
CA LEU C 236 27.31 -32.33 15.52
C LEU C 236 25.90 -32.88 15.25
N MET C 237 25.04 -32.82 16.28
CA MET C 237 23.64 -33.18 16.12
C MET C 237 22.78 -31.96 16.45
N PRO C 238 21.97 -31.45 15.51
CA PRO C 238 21.06 -30.35 15.80
C PRO C 238 19.80 -30.82 16.55
N SER C 239 19.27 -30.00 17.46
CA SER C 239 18.07 -30.38 18.20
C SER C 239 16.84 -30.25 17.29
N ILE C 240 16.33 -31.38 16.78
CA ILE C 240 15.13 -31.41 15.95
C ILE C 240 13.94 -31.69 16.86
N PRO C 241 12.97 -30.74 17.00
CA PRO C 241 11.72 -31.05 17.71
C PRO C 241 11.08 -32.37 17.23
N ARG C 242 10.53 -33.16 18.16
CA ARG C 242 10.07 -34.52 17.87
C ARG C 242 8.78 -34.47 17.03
N GLU C 243 8.09 -33.32 17.07
CA GLU C 243 6.83 -33.09 16.32
C GLU C 243 7.13 -32.95 14.82
N THR C 244 8.39 -32.65 14.47
CA THR C 244 8.87 -32.50 13.09
C THR C 244 8.59 -33.77 12.28
N SER C 245 8.02 -33.60 11.09
CA SER C 245 7.67 -34.71 10.21
C SER C 245 8.93 -35.49 9.84
N PRO C 246 8.81 -36.82 9.57
CA PRO C 246 9.96 -37.66 9.28
C PRO C 246 10.83 -37.11 8.14
N TYR C 247 10.19 -36.60 7.07
CA TYR C 247 10.91 -36.19 5.88
C TYR C 247 11.71 -34.90 6.16
N LEU C 248 11.09 -33.93 6.84
CA LEU C 248 11.81 -32.69 7.14
C LEU C 248 13.00 -32.97 8.06
N ALA C 249 12.79 -33.89 9.02
CA ALA C 249 13.82 -34.23 9.99
C ALA C 249 14.98 -34.91 9.26
N ASN C 250 14.66 -35.84 8.35
CA ASN C 250 15.68 -36.54 7.56
C ASN C 250 16.50 -35.50 6.77
N LEU C 251 15.81 -34.53 6.18
CA LEU C 251 16.41 -33.52 5.35
C LEU C 251 17.38 -32.67 6.18
N LEU C 252 16.92 -32.17 7.33
CA LEU C 252 17.73 -31.33 8.20
C LEU C 252 18.99 -32.09 8.64
N LEU C 253 18.84 -33.38 8.97
CA LEU C 253 19.96 -34.15 9.52
C LEU C 253 21.02 -34.35 8.43
N GLY C 254 20.59 -34.48 7.19
CA GLY C 254 21.48 -34.76 6.07
C GLY C 254 22.14 -33.51 5.52
N LEU C 255 21.49 -32.36 5.71
CA LEU C 255 22.06 -31.07 5.33
C LEU C 255 23.04 -30.61 6.42
N LEU C 256 22.67 -30.80 7.68
CA LEU C 256 23.45 -30.28 8.81
C LEU C 256 24.47 -31.33 9.28
N GLN C 257 25.32 -31.78 8.34
CA GLN C 257 26.46 -32.63 8.63
C GLN C 257 27.75 -31.79 8.59
N ARG C 258 28.48 -31.81 9.71
CA ARG C 258 29.69 -31.04 9.92
C ARG C 258 30.71 -31.36 8.82
N ASN C 259 30.75 -32.63 8.38
CA ASN C 259 31.74 -33.07 7.42
C ASN C 259 31.05 -33.21 6.05
N GLN C 260 31.61 -32.53 5.04
CA GLN C 260 31.06 -32.51 3.67
C GLN C 260 31.08 -33.93 3.08
N LYS C 261 32.07 -34.72 3.53
CA LYS C 261 32.16 -36.16 3.29
C LYS C 261 30.80 -36.84 3.58
N ASP C 262 30.14 -36.44 4.69
CA ASP C 262 28.93 -37.13 5.21
C ASP C 262 27.63 -36.40 4.85
N ARG C 263 27.74 -35.21 4.23
CA ARG C 263 26.61 -34.34 3.99
C ARG C 263 25.89 -34.78 2.72
N MET C 264 24.56 -34.80 2.79
CA MET C 264 23.70 -35.04 1.63
C MET C 264 24.25 -34.23 0.45
N ASP C 265 24.34 -34.87 -0.71
CA ASP C 265 24.81 -34.21 -1.93
C ASP C 265 23.59 -33.69 -2.71
N PHE C 266 23.87 -32.89 -3.77
CA PHE C 266 22.86 -32.05 -4.38
C PHE C 266 21.70 -32.89 -4.91
N GLU C 267 22.02 -34.01 -5.55
CA GLU C 267 21.01 -34.78 -6.27
C GLU C 267 20.03 -35.41 -5.26
N ALA C 268 20.52 -35.79 -4.08
CA ALA C 268 19.67 -36.27 -3.00
C ALA C 268 18.73 -35.16 -2.53
N PHE C 269 19.28 -33.94 -2.43
CA PHE C 269 18.56 -32.75 -1.96
C PHE C 269 17.46 -32.34 -2.95
N PHE C 270 17.82 -32.21 -4.24
CA PHE C 270 16.88 -31.73 -5.29
C PHE C 270 15.67 -32.67 -5.38
N SER C 271 15.90 -33.95 -5.13
CA SER C 271 14.91 -34.98 -5.34
C SER C 271 14.41 -35.54 -4.00
N HIS C 272 14.58 -34.76 -2.92
CA HIS C 272 14.27 -35.24 -1.58
C HIS C 272 12.76 -35.37 -1.40
N PRO C 273 12.29 -36.49 -0.80
CA PRO C 273 10.86 -36.71 -0.55
C PRO C 273 10.08 -35.51 0.02
N PHE C 274 10.71 -34.73 0.89
CA PHE C 274 10.05 -33.61 1.56
C PHE C 274 9.56 -32.57 0.55
N LEU C 275 10.19 -32.50 -0.63
CA LEU C 275 9.98 -31.41 -1.59
C LEU C 275 8.79 -31.67 -2.51
N GLU C 276 8.09 -32.80 -2.31
CA GLU C 276 6.76 -33.05 -2.92
C GLU C 276 5.67 -32.83 -1.86
N SER D 4 -27.84 -2.25 -48.05
CA SER D 4 -28.76 -2.48 -46.91
C SER D 4 -27.98 -2.99 -45.68
N MET D 5 -28.01 -2.20 -44.61
CA MET D 5 -27.84 -2.65 -43.24
C MET D 5 -29.19 -2.60 -42.55
N GLU D 6 -29.44 -3.55 -41.63
CA GLU D 6 -30.66 -3.57 -40.81
C GLU D 6 -30.41 -2.70 -39.57
N VAL D 7 -31.43 -1.93 -39.21
CA VAL D 7 -31.32 -0.96 -38.16
C VAL D 7 -32.02 -1.50 -36.91
N VAL D 8 -31.33 -1.38 -35.78
CA VAL D 8 -31.83 -1.78 -34.49
C VAL D 8 -31.51 -0.67 -33.50
N GLY D 9 -32.51 0.21 -33.24
CA GLY D 9 -32.30 1.42 -32.47
C GLY D 9 -31.09 2.20 -33.01
N ASP D 10 -30.11 2.47 -32.14
CA ASP D 10 -28.92 3.22 -32.49
C ASP D 10 -27.83 2.33 -33.11
N PHE D 11 -28.15 1.06 -33.34
CA PHE D 11 -27.19 0.09 -33.85
C PHE D 11 -27.64 -0.42 -35.21
N GLU D 12 -26.74 -1.08 -35.92
CA GLU D 12 -27.03 -1.64 -37.24
C GLU D 12 -26.18 -2.90 -37.44
N TYR D 13 -26.62 -3.76 -38.36
CA TYR D 13 -25.89 -4.97 -38.69
C TYR D 13 -26.27 -5.44 -40.10
N SER D 14 -25.39 -6.27 -40.68
CA SER D 14 -25.62 -6.97 -41.92
C SER D 14 -25.90 -8.45 -41.60
N LYS D 15 -26.86 -9.05 -42.31
CA LYS D 15 -27.26 -10.45 -42.13
C LYS D 15 -26.11 -11.39 -42.57
N ARG D 16 -25.17 -10.87 -43.37
CA ARG D 16 -24.00 -11.62 -43.78
C ARG D 16 -23.09 -11.88 -42.57
N ASP D 17 -23.10 -10.98 -41.58
CA ASP D 17 -22.13 -10.98 -40.47
C ASP D 17 -22.68 -11.83 -39.32
N LEU D 18 -22.98 -13.09 -39.63
CA LEU D 18 -23.56 -14.08 -38.73
C LEU D 18 -22.48 -14.60 -37.78
N VAL D 19 -22.81 -14.71 -36.50
CA VAL D 19 -21.90 -15.26 -35.49
C VAL D 19 -22.28 -16.72 -35.21
N GLY D 20 -23.57 -16.97 -34.98
CA GLY D 20 -24.09 -18.33 -34.84
C GLY D 20 -25.56 -18.34 -34.46
N HIS D 21 -26.08 -19.54 -34.15
CA HIS D 21 -27.47 -19.76 -33.73
C HIS D 21 -27.51 -20.24 -32.26
N GLY D 22 -28.59 -19.88 -31.57
CA GLY D 22 -29.10 -20.62 -30.42
C GLY D 22 -30.26 -21.50 -30.85
N ALA D 23 -31.00 -22.01 -29.87
CA ALA D 23 -32.20 -22.76 -30.15
C ALA D 23 -33.28 -21.82 -30.72
N PHE D 24 -33.32 -20.58 -30.21
CA PHE D 24 -34.40 -19.64 -30.50
C PHE D 24 -33.89 -18.34 -31.14
N ALA D 25 -32.57 -18.11 -31.08
CA ALA D 25 -31.98 -16.83 -31.41
C ALA D 25 -30.94 -17.02 -32.53
N VAL D 26 -30.84 -16.00 -33.38
CA VAL D 26 -29.74 -15.83 -34.29
C VAL D 26 -28.91 -14.63 -33.82
N VAL D 27 -27.58 -14.74 -33.90
CA VAL D 27 -26.68 -13.70 -33.39
C VAL D 27 -25.80 -13.18 -34.53
N PHE D 28 -25.77 -11.85 -34.65
CA PHE D 28 -24.98 -11.14 -35.67
C PHE D 28 -23.99 -10.21 -34.97
N ARG D 29 -22.88 -9.96 -35.65
CA ARG D 29 -21.95 -8.90 -35.31
C ARG D 29 -22.53 -7.61 -35.89
N GLY D 30 -22.66 -6.57 -35.06
CA GLY D 30 -23.14 -5.30 -35.47
C GLY D 30 -22.24 -4.20 -34.97
N ARG D 31 -22.70 -2.96 -35.12
CA ARG D 31 -22.00 -1.83 -34.60
C ARG D 31 -22.99 -0.71 -34.30
N HIS D 32 -22.53 0.25 -33.50
CA HIS D 32 -23.21 1.52 -33.33
C HIS D 32 -23.17 2.27 -34.65
N ARG D 33 -24.21 3.06 -34.89
CA ARG D 33 -24.41 3.68 -36.19
C ARG D 33 -23.49 4.89 -36.35
N GLN D 34 -23.22 5.62 -35.25
CA GLN D 34 -22.28 6.73 -35.27
C GLN D 34 -20.87 6.24 -34.89
N LYS D 35 -20.76 5.61 -33.73
CA LYS D 35 -19.50 5.08 -33.22
C LYS D 35 -19.26 3.68 -33.83
N THR D 36 -18.85 3.66 -35.10
CA THR D 36 -18.85 2.43 -35.88
C THR D 36 -17.70 1.48 -35.46
N ASP D 37 -16.78 1.97 -34.63
CA ASP D 37 -15.68 1.14 -34.09
C ASP D 37 -16.21 0.27 -32.93
N TRP D 38 -17.38 0.63 -32.39
CA TRP D 38 -18.00 -0.08 -31.27
C TRP D 38 -18.79 -1.29 -31.80
N GLU D 39 -18.22 -2.49 -31.65
CA GLU D 39 -18.88 -3.70 -32.10
C GLU D 39 -19.84 -4.20 -31.03
N VAL D 40 -20.96 -4.77 -31.48
CA VAL D 40 -21.94 -5.34 -30.59
C VAL D 40 -22.44 -6.65 -31.19
N ALA D 41 -22.99 -7.48 -30.31
CA ALA D 41 -23.70 -8.67 -30.71
C ALA D 41 -25.19 -8.34 -30.72
N ILE D 42 -25.87 -8.71 -31.80
CA ILE D 42 -27.27 -8.47 -31.94
C ILE D 42 -27.99 -9.82 -32.06
N LYS D 43 -28.77 -10.18 -31.02
CA LYS D 43 -29.57 -11.40 -31.01
C LYS D 43 -30.96 -11.10 -31.56
N SER D 44 -31.34 -11.83 -32.61
CA SER D 44 -32.68 -11.82 -33.12
C SER D 44 -33.40 -13.07 -32.63
N ILE D 45 -34.57 -12.87 -32.04
CA ILE D 45 -35.35 -13.93 -31.43
C ILE D 45 -36.76 -13.91 -32.03
N ASN D 46 -37.11 -14.96 -32.79
CA ASN D 46 -38.44 -15.12 -33.36
C ASN D 46 -39.48 -15.22 -32.23
N LYS D 47 -40.53 -14.38 -32.28
CA LYS D 47 -41.51 -14.25 -31.20
C LYS D 47 -42.41 -15.50 -31.12
N LYS D 48 -42.75 -16.09 -32.27
CA LYS D 48 -43.66 -17.24 -32.32
C LYS D 48 -42.94 -18.50 -31.81
N ASN D 49 -41.68 -18.70 -32.19
CA ASN D 49 -40.90 -19.83 -31.70
C ASN D 49 -40.80 -19.73 -30.18
N LEU D 50 -40.53 -18.52 -29.70
CA LEU D 50 -40.29 -18.25 -28.30
C LEU D 50 -41.55 -18.53 -27.48
N SER D 51 -42.72 -18.25 -28.06
CA SER D 51 -43.99 -18.39 -27.36
C SER D 51 -44.38 -19.87 -27.26
N LYS D 52 -43.70 -20.75 -28.02
CA LYS D 52 -43.94 -22.22 -27.97
C LYS D 52 -42.85 -22.89 -27.12
N SER D 53 -42.01 -22.10 -26.47
CA SER D 53 -40.98 -22.56 -25.55
C SER D 53 -41.38 -22.20 -24.12
N GLN D 54 -40.56 -22.64 -23.17
CA GLN D 54 -40.73 -22.28 -21.79
C GLN D 54 -39.71 -21.21 -21.40
N ILE D 55 -39.10 -20.55 -22.39
CA ILE D 55 -38.12 -19.52 -22.15
C ILE D 55 -38.83 -18.24 -21.72
N LEU D 56 -38.31 -17.65 -20.65
CA LEU D 56 -38.76 -16.40 -20.09
C LEU D 56 -37.73 -15.33 -20.42
N LEU D 57 -37.90 -14.70 -21.58
CA LEU D 57 -36.96 -13.69 -22.05
C LEU D 57 -37.00 -12.46 -21.13
N GLY D 58 -38.20 -12.14 -20.66
CA GLY D 58 -38.40 -11.08 -19.70
C GLY D 58 -37.50 -11.23 -18.49
N LYS D 59 -37.33 -12.46 -18.03
CA LYS D 59 -36.49 -12.78 -16.88
C LYS D 59 -35.02 -12.54 -17.24
N GLU D 60 -34.57 -13.06 -18.39
CA GLU D 60 -33.19 -12.92 -18.82
C GLU D 60 -32.85 -11.42 -18.90
N ILE D 61 -33.77 -10.64 -19.44
CA ILE D 61 -33.57 -9.20 -19.64
C ILE D 61 -33.50 -8.50 -18.28
N LYS D 62 -34.42 -8.88 -17.37
CA LYS D 62 -34.50 -8.28 -16.06
C LYS D 62 -33.21 -8.54 -15.29
N ILE D 63 -32.67 -9.76 -15.42
CA ILE D 63 -31.50 -10.16 -14.69
C ILE D 63 -30.25 -9.50 -15.29
N LEU D 64 -30.18 -9.45 -16.63
CA LEU D 64 -29.04 -8.79 -17.32
C LEU D 64 -28.98 -7.30 -16.93
N LYS D 65 -30.13 -6.63 -16.84
CA LYS D 65 -30.20 -5.20 -16.50
C LYS D 65 -29.70 -5.00 -15.07
N GLU D 66 -30.06 -5.92 -14.18
CA GLU D 66 -29.77 -5.83 -12.78
C GLU D 66 -28.26 -5.99 -12.57
N LEU D 67 -27.63 -6.80 -13.42
CA LEU D 67 -26.21 -7.05 -13.33
C LEU D 67 -25.48 -6.05 -14.22
N GLN D 68 -24.37 -5.54 -13.72
CA GLN D 68 -23.64 -4.54 -14.39
C GLN D 68 -22.20 -4.64 -13.94
N HIS D 69 -21.45 -5.49 -14.64
CA HIS D 69 -20.16 -5.88 -14.22
C HIS D 69 -19.31 -6.21 -15.43
N GLU D 70 -18.00 -5.97 -15.33
CA GLU D 70 -17.06 -6.13 -16.45
C GLU D 70 -16.88 -7.61 -16.79
N ASN D 71 -17.33 -8.52 -15.92
CA ASN D 71 -17.20 -9.96 -16.11
C ASN D 71 -18.57 -10.59 -16.36
N ILE D 72 -19.56 -9.75 -16.71
CA ILE D 72 -20.90 -10.19 -17.06
C ILE D 72 -21.32 -9.48 -18.36
N VAL D 73 -21.72 -10.28 -19.34
CA VAL D 73 -22.04 -9.78 -20.66
C VAL D 73 -23.09 -8.67 -20.53
N ALA D 74 -22.80 -7.51 -21.13
CA ALA D 74 -23.63 -6.34 -21.02
C ALA D 74 -24.83 -6.43 -21.99
N LEU D 75 -25.99 -5.94 -21.53
CA LEU D 75 -27.13 -5.66 -22.39
C LEU D 75 -27.25 -4.15 -22.58
N TYR D 76 -27.25 -3.68 -23.83
CA TYR D 76 -27.28 -2.25 -24.15
C TYR D 76 -28.69 -1.79 -24.52
N ASP D 77 -29.47 -2.65 -25.17
CA ASP D 77 -30.75 -2.23 -25.69
C ASP D 77 -31.61 -3.45 -26.04
N VAL D 78 -32.92 -3.23 -25.99
CA VAL D 78 -33.94 -4.19 -26.39
C VAL D 78 -34.90 -3.47 -27.34
N GLN D 79 -35.11 -4.02 -28.54
CA GLN D 79 -36.06 -3.50 -29.53
C GLN D 79 -37.03 -4.62 -29.88
N GLU D 80 -38.34 -4.33 -29.80
CA GLU D 80 -39.37 -5.31 -30.11
C GLU D 80 -40.02 -4.92 -31.43
N LEU D 81 -39.90 -5.79 -32.44
CA LEU D 81 -40.63 -5.68 -33.73
C LEU D 81 -41.79 -6.68 -33.71
N PRO D 82 -42.70 -6.70 -34.71
CA PRO D 82 -43.89 -7.55 -34.64
C PRO D 82 -43.54 -9.04 -34.76
N ASN D 83 -42.47 -9.36 -35.51
CA ASN D 83 -41.98 -10.72 -35.75
C ASN D 83 -40.98 -11.17 -34.67
N SER D 84 -40.12 -10.24 -34.22
CA SER D 84 -38.83 -10.57 -33.55
C SER D 84 -38.61 -9.66 -32.33
N VAL D 85 -37.72 -10.09 -31.43
CA VAL D 85 -37.16 -9.23 -30.40
C VAL D 85 -35.66 -9.18 -30.63
N PHE D 86 -35.08 -7.99 -30.47
CA PHE D 86 -33.67 -7.79 -30.69
C PHE D 86 -33.01 -7.38 -29.38
N LEU D 87 -31.94 -8.10 -29.03
CA LEU D 87 -31.06 -7.77 -27.92
C LEU D 87 -29.76 -7.23 -28.52
N VAL D 88 -29.38 -6.01 -28.14
CA VAL D 88 -28.05 -5.52 -28.42
C VAL D 88 -27.18 -5.78 -27.20
N MET D 89 -26.13 -6.59 -27.39
CA MET D 89 -25.30 -7.01 -26.28
C MET D 89 -23.83 -6.77 -26.61
N GLU D 90 -23.03 -6.83 -25.55
CA GLU D 90 -21.59 -6.78 -25.66
C GLU D 90 -21.14 -7.90 -26.60
N TYR D 91 -20.29 -7.55 -27.56
CA TYR D 91 -19.68 -8.53 -28.44
C TYR D 91 -18.40 -9.04 -27.79
N CYS D 92 -18.31 -10.36 -27.63
CA CYS D 92 -17.11 -10.99 -27.10
C CYS D 92 -16.36 -11.64 -28.25
N ASN D 93 -15.20 -11.05 -28.59
CA ASN D 93 -14.51 -11.37 -29.83
C ASN D 93 -13.64 -12.63 -29.67
N GLY D 94 -13.72 -13.31 -28.52
CA GLY D 94 -12.89 -14.51 -28.23
C GLY D 94 -13.68 -15.82 -28.29
N GLY D 95 -14.99 -15.75 -28.52
CA GLY D 95 -15.88 -16.92 -28.51
C GLY D 95 -16.08 -17.47 -27.11
N ASP D 96 -16.41 -18.78 -27.01
CA ASP D 96 -16.74 -19.40 -25.73
C ASP D 96 -15.51 -20.15 -25.21
N LEU D 97 -15.50 -20.39 -23.90
CA LEU D 97 -14.42 -21.08 -23.22
C LEU D 97 -14.31 -22.51 -23.76
N ALA D 98 -15.45 -23.09 -24.17
CA ALA D 98 -15.51 -24.46 -24.73
C ALA D 98 -14.55 -24.58 -25.93
N ASP D 99 -14.62 -23.61 -26.84
CA ASP D 99 -13.80 -23.53 -28.05
C ASP D 99 -12.34 -23.20 -27.69
N TYR D 100 -12.15 -22.39 -26.65
CA TYR D 100 -10.81 -22.04 -26.19
C TYR D 100 -10.11 -23.30 -25.67
N LEU D 101 -10.82 -24.15 -24.94
CA LEU D 101 -10.26 -25.39 -24.37
C LEU D 101 -9.99 -26.40 -25.49
N GLN D 102 -10.87 -26.45 -26.50
CA GLN D 102 -10.70 -27.24 -27.71
C GLN D 102 -9.36 -26.89 -28.37
N ALA D 103 -9.00 -25.61 -28.34
CA ALA D 103 -7.82 -25.08 -29.02
C ALA D 103 -6.54 -25.32 -28.20
N LYS D 104 -6.64 -25.20 -26.87
CA LYS D 104 -5.46 -25.12 -25.97
C LYS D 104 -5.30 -26.42 -25.17
N GLY D 105 -6.38 -27.17 -24.99
CA GLY D 105 -6.39 -28.46 -24.29
C GLY D 105 -6.62 -28.30 -22.80
N THR D 106 -5.51 -28.07 -22.09
CA THR D 106 -5.49 -27.83 -20.68
C THR D 106 -4.77 -26.50 -20.45
N LEU D 107 -4.97 -25.94 -19.26
CA LEU D 107 -4.46 -24.63 -18.90
C LEU D 107 -3.58 -24.76 -17.66
N SER D 108 -2.50 -23.97 -17.62
CA SER D 108 -1.66 -23.84 -16.43
C SER D 108 -2.53 -23.37 -15.26
N GLU D 109 -2.09 -23.69 -14.04
CA GLU D 109 -2.78 -23.23 -12.83
C GLU D 109 -2.73 -21.70 -12.80
N ASP D 110 -1.65 -21.10 -13.33
CA ASP D 110 -1.53 -19.63 -13.43
C ASP D 110 -2.70 -19.09 -14.24
N THR D 111 -2.94 -19.66 -15.43
CA THR D 111 -4.02 -19.25 -16.33
C THR D 111 -5.39 -19.44 -15.64
N ILE D 112 -5.56 -20.58 -14.96
CA ILE D 112 -6.84 -20.95 -14.34
C ILE D 112 -7.17 -19.93 -13.24
N ARG D 113 -6.14 -19.48 -12.51
CA ARG D 113 -6.30 -18.53 -11.41
C ARG D 113 -6.83 -17.19 -11.95
N VAL D 114 -6.32 -16.79 -13.11
CA VAL D 114 -6.69 -15.54 -13.76
C VAL D 114 -8.17 -15.60 -14.17
N PHE D 115 -8.57 -16.72 -14.81
CA PHE D 115 -9.94 -16.93 -15.26
C PHE D 115 -10.88 -17.00 -14.05
N LEU D 116 -10.42 -17.66 -12.99
CA LEU D 116 -11.24 -17.96 -11.84
C LEU D 116 -11.42 -16.69 -10.98
N HIS D 117 -10.40 -15.87 -10.94
CA HIS D 117 -10.48 -14.60 -10.27
C HIS D 117 -11.62 -13.76 -10.88
N GLN D 118 -11.74 -13.81 -12.21
CA GLN D 118 -12.75 -13.03 -12.92
C GLN D 118 -14.14 -13.65 -12.71
N ILE D 119 -14.23 -14.97 -12.82
CA ILE D 119 -15.47 -15.69 -12.60
C ILE D 119 -15.99 -15.37 -11.20
N ALA D 120 -15.08 -15.42 -10.22
CA ALA D 120 -15.39 -15.16 -8.82
C ALA D 120 -15.92 -13.73 -8.65
N ALA D 121 -15.32 -12.78 -9.36
CA ALA D 121 -15.78 -11.38 -9.31
C ALA D 121 -17.24 -11.28 -9.79
N ALA D 122 -17.58 -12.04 -10.85
CA ALA D 122 -18.96 -12.12 -11.38
C ALA D 122 -19.89 -12.76 -10.35
N MET D 123 -19.41 -13.84 -9.71
CA MET D 123 -20.19 -14.58 -8.74
C MET D 123 -20.51 -13.68 -7.53
N ARG D 124 -19.55 -12.84 -7.13
CA ARG D 124 -19.74 -11.92 -5.99
C ARG D 124 -21.00 -11.07 -6.24
N ILE D 125 -21.17 -10.61 -7.50
CA ILE D 125 -22.31 -9.80 -7.87
C ILE D 125 -23.58 -10.66 -7.84
N LEU D 126 -23.54 -11.84 -8.48
CA LEU D 126 -24.71 -12.71 -8.50
C LEU D 126 -25.17 -12.96 -7.06
N HIS D 127 -24.20 -13.31 -6.19
CA HIS D 127 -24.46 -13.74 -4.80
C HIS D 127 -25.07 -12.60 -3.97
N SER D 128 -24.58 -11.38 -4.19
CA SER D 128 -25.02 -10.24 -3.44
C SER D 128 -26.45 -9.84 -3.86
N LYS D 129 -26.86 -10.17 -5.10
CA LYS D 129 -28.23 -9.91 -5.60
C LYS D 129 -29.14 -11.14 -5.39
N GLY D 130 -28.59 -12.24 -4.86
CA GLY D 130 -29.36 -13.47 -4.67
C GLY D 130 -29.81 -14.13 -5.97
N ILE D 131 -28.93 -14.13 -6.98
CA ILE D 131 -29.22 -14.75 -8.27
C ILE D 131 -28.34 -15.99 -8.44
N ILE D 132 -28.99 -17.09 -8.85
CA ILE D 132 -28.33 -18.32 -9.15
C ILE D 132 -28.40 -18.54 -10.66
N HIS D 133 -27.26 -18.84 -11.26
CA HIS D 133 -27.16 -19.01 -12.71
C HIS D 133 -27.72 -20.38 -13.13
N ARG D 134 -27.22 -21.43 -12.49
CA ARG D 134 -27.73 -22.83 -12.57
C ARG D 134 -27.28 -23.55 -13.85
N ASP D 135 -26.64 -22.83 -14.78
CA ASP D 135 -26.29 -23.39 -16.07
C ASP D 135 -24.90 -22.92 -16.50
N LEU D 136 -24.01 -22.66 -15.54
CA LEU D 136 -22.64 -22.31 -15.84
C LEU D 136 -21.96 -23.49 -16.51
N LYS D 137 -21.30 -23.23 -17.63
CA LYS D 137 -20.55 -24.23 -18.34
C LYS D 137 -19.67 -23.52 -19.35
N PRO D 138 -18.67 -24.20 -19.96
CA PRO D 138 -17.73 -23.53 -20.87
C PRO D 138 -18.41 -22.83 -22.05
N GLN D 139 -19.55 -23.35 -22.50
CA GLN D 139 -20.31 -22.78 -23.63
C GLN D 139 -20.92 -21.43 -23.22
N ASN D 140 -21.10 -21.20 -21.92
CA ASN D 140 -21.77 -20.03 -21.38
C ASN D 140 -20.76 -19.06 -20.74
N ILE D 141 -19.47 -19.31 -20.98
CA ILE D 141 -18.44 -18.40 -20.52
C ILE D 141 -17.71 -17.85 -21.75
N LEU D 142 -17.85 -16.55 -21.98
CA LEU D 142 -17.37 -15.93 -23.19
C LEU D 142 -16.06 -15.21 -22.89
N LEU D 143 -15.30 -14.95 -23.96
CA LEU D 143 -13.96 -14.44 -23.90
C LEU D 143 -13.87 -13.14 -24.73
N SER D 144 -13.19 -12.15 -24.15
CA SER D 144 -12.95 -10.87 -24.80
C SER D 144 -11.46 -10.51 -24.66
N TYR D 145 -10.82 -10.15 -25.78
CA TYR D 145 -9.39 -9.75 -25.82
C TYR D 145 -9.25 -8.23 -25.75
N ALA D 146 -8.76 -7.74 -24.59
CA ALA D 146 -8.88 -6.32 -24.18
C ALA D 146 -7.79 -5.48 -24.90
N ASN D 147 -8.09 -4.19 -25.10
CA ASN D 147 -7.26 -3.30 -25.92
C ASN D 147 -6.97 -3.98 -27.26
N ILE D 156 -6.86 -11.57 -21.62
CA ILE D 156 -8.18 -12.10 -21.84
C ILE D 156 -9.06 -11.71 -20.66
N ARG D 157 -10.28 -11.25 -20.99
CA ARG D 157 -11.28 -10.96 -20.00
C ARG D 157 -12.47 -11.92 -20.20
N ILE D 158 -13.00 -12.41 -19.07
CA ILE D 158 -14.05 -13.42 -19.00
C ILE D 158 -15.40 -12.73 -18.83
N LYS D 159 -16.43 -13.25 -19.51
CA LYS D 159 -17.78 -12.70 -19.40
C LYS D 159 -18.81 -13.83 -19.31
N ILE D 160 -19.50 -13.91 -18.17
CA ILE D 160 -20.58 -14.87 -17.94
C ILE D 160 -21.80 -14.46 -18.77
N ALA D 161 -22.44 -15.46 -19.40
CA ALA D 161 -23.57 -15.26 -20.27
C ALA D 161 -24.63 -16.32 -20.02
N ASP D 162 -25.81 -16.14 -20.62
CA ASP D 162 -26.93 -17.11 -20.66
C ASP D 162 -27.55 -17.26 -19.27
N PHE D 163 -28.46 -16.35 -18.95
CA PHE D 163 -29.19 -16.39 -17.71
C PHE D 163 -30.56 -17.01 -17.96
N GLY D 164 -30.65 -17.89 -18.97
CA GLY D 164 -31.91 -18.53 -19.36
C GLY D 164 -32.45 -19.43 -18.28
N PHE D 165 -31.56 -20.05 -17.49
CA PHE D 165 -31.95 -21.01 -16.47
C PHE D 165 -31.86 -20.38 -15.07
N ALA D 166 -31.54 -19.08 -15.02
CA ALA D 166 -31.22 -18.41 -13.76
C ALA D 166 -32.51 -18.20 -12.93
N ARG D 167 -32.34 -17.98 -11.63
CA ARG D 167 -33.48 -17.67 -10.79
C ARG D 167 -33.02 -16.87 -9.57
N TYR D 168 -33.99 -16.19 -8.95
CA TYR D 168 -33.78 -15.43 -7.74
C TYR D 168 -34.07 -16.32 -6.52
N LEU D 169 -33.23 -16.21 -5.50
CA LEU D 169 -33.47 -16.80 -4.18
C LEU D 169 -34.50 -15.97 -3.42
N HIS D 170 -35.59 -16.60 -2.98
CA HIS D 170 -36.71 -15.89 -2.35
C HIS D 170 -36.49 -15.71 -0.85
N SER D 171 -36.24 -14.45 -0.45
CA SER D 171 -36.26 -13.97 0.96
C SER D 171 -37.70 -13.60 1.36
N PRO D 182 -48.22 -18.86 5.17
CA PRO D 182 -47.87 -19.80 4.11
C PRO D 182 -48.45 -21.20 4.35
N MET D 183 -49.61 -21.25 5.02
CA MET D 183 -50.24 -22.49 5.48
C MET D 183 -50.68 -23.32 4.27
N TYR D 184 -50.89 -22.64 3.14
CA TYR D 184 -51.48 -23.21 1.96
C TYR D 184 -50.42 -23.76 1.01
N MET D 185 -49.15 -23.49 1.31
CA MET D 185 -48.09 -23.80 0.43
C MET D 185 -47.56 -25.20 0.72
N ALA D 186 -47.24 -25.94 -0.36
CA ALA D 186 -46.84 -27.33 -0.29
C ALA D 186 -45.58 -27.47 0.54
N PRO D 187 -45.51 -28.46 1.45
CA PRO D 187 -44.36 -28.61 2.32
C PRO D 187 -43.03 -28.80 1.57
N GLU D 188 -43.08 -29.50 0.42
CA GLU D 188 -41.87 -29.70 -0.36
C GLU D 188 -41.33 -28.32 -0.80
N VAL D 189 -42.22 -27.37 -1.09
CA VAL D 189 -41.85 -26.04 -1.54
C VAL D 189 -41.26 -25.24 -0.38
N ILE D 190 -41.94 -25.23 0.77
CA ILE D 190 -41.45 -24.56 1.97
C ILE D 190 -40.03 -25.03 2.26
N MET D 191 -39.86 -26.36 2.32
CA MET D 191 -38.65 -27.00 2.79
C MET D 191 -37.52 -26.91 1.75
N SER D 192 -37.85 -26.72 0.48
CA SER D 192 -36.85 -26.79 -0.61
C SER D 192 -36.25 -25.42 -0.90
N GLN D 193 -36.66 -24.39 -0.15
CA GLN D 193 -36.12 -23.05 -0.37
C GLN D 193 -34.60 -23.12 -0.15
N HIS D 194 -33.85 -22.48 -1.06
CA HIS D 194 -32.37 -22.35 -0.96
C HIS D 194 -31.64 -23.67 -1.30
N TYR D 195 -32.36 -24.70 -1.78
CA TYR D 195 -31.75 -26.05 -2.00
C TYR D 195 -30.65 -25.97 -3.06
N ASP D 196 -30.84 -25.08 -4.06
CA ASP D 196 -29.93 -24.97 -5.20
C ASP D 196 -29.05 -23.73 -5.06
N ALA D 197 -28.92 -23.20 -3.83
CA ALA D 197 -28.18 -21.96 -3.55
C ALA D 197 -26.69 -22.10 -3.92
N LYS D 198 -26.18 -23.34 -3.91
CA LYS D 198 -24.75 -23.59 -4.10
C LYS D 198 -24.46 -24.23 -5.45
N ALA D 199 -25.46 -24.27 -6.34
CA ALA D 199 -25.33 -24.99 -7.61
C ALA D 199 -24.15 -24.44 -8.42
N ASP D 200 -23.99 -23.12 -8.44
CA ASP D 200 -23.00 -22.48 -9.27
C ASP D 200 -21.59 -22.90 -8.81
N LEU D 201 -21.42 -23.16 -7.52
CA LEU D 201 -20.13 -23.58 -6.98
C LEU D 201 -19.75 -24.96 -7.52
N TRP D 202 -20.72 -25.86 -7.64
CA TRP D 202 -20.46 -27.14 -8.27
C TRP D 202 -20.00 -26.92 -9.72
N SER D 203 -20.74 -26.07 -10.45
CA SER D 203 -20.50 -25.88 -11.86
C SER D 203 -19.09 -25.34 -12.08
N ILE D 204 -18.72 -24.32 -11.30
CA ILE D 204 -17.41 -23.69 -11.38
C ILE D 204 -16.35 -24.77 -11.14
N GLY D 205 -16.63 -25.69 -10.22
CA GLY D 205 -15.80 -26.85 -9.95
C GLY D 205 -15.55 -27.69 -11.20
N THR D 206 -16.63 -28.03 -11.92
CA THR D 206 -16.54 -28.89 -13.10
C THR D 206 -15.74 -28.17 -14.20
N VAL D 207 -15.93 -26.86 -14.30
CA VAL D 207 -15.32 -26.07 -15.33
C VAL D 207 -13.81 -25.96 -15.05
N ILE D 208 -13.45 -25.65 -13.80
CA ILE D 208 -12.05 -25.62 -13.38
C ILE D 208 -11.44 -26.99 -13.62
N TYR D 209 -12.16 -28.04 -13.25
CA TYR D 209 -11.65 -29.39 -13.38
C TYR D 209 -11.31 -29.66 -14.85
N GLN D 210 -12.21 -29.28 -15.75
CA GLN D 210 -11.98 -29.52 -17.16
C GLN D 210 -10.78 -28.73 -17.65
N CYS D 211 -10.65 -27.49 -17.17
CA CYS D 211 -9.52 -26.61 -17.53
C CYS D 211 -8.20 -27.30 -17.21
N LEU D 212 -8.17 -27.98 -16.07
CA LEU D 212 -6.96 -28.52 -15.48
C LEU D 212 -6.61 -29.85 -16.14
N VAL D 213 -7.62 -30.72 -16.22
CA VAL D 213 -7.45 -32.13 -16.54
C VAL D 213 -7.71 -32.37 -18.03
N GLY D 214 -8.75 -31.72 -18.58
CA GLY D 214 -9.03 -31.78 -20.02
C GLY D 214 -10.29 -32.58 -20.33
N LYS D 215 -11.01 -32.98 -19.30
CA LYS D 215 -12.35 -33.51 -19.44
C LYS D 215 -13.12 -33.15 -18.18
N PRO D 216 -14.47 -33.18 -18.20
CA PRO D 216 -15.27 -32.96 -17.00
C PRO D 216 -15.06 -34.11 -16.02
N PRO D 217 -15.28 -33.88 -14.72
CA PRO D 217 -15.03 -34.90 -13.70
C PRO D 217 -15.95 -36.12 -13.81
N PHE D 218 -17.14 -35.94 -14.38
CA PHE D 218 -18.16 -36.97 -14.45
C PHE D 218 -18.83 -36.90 -15.83
N GLN D 219 -18.55 -37.87 -16.69
CA GLN D 219 -19.06 -37.92 -18.08
C GLN D 219 -20.11 -39.02 -18.23
N ALA D 220 -21.00 -38.87 -19.20
CA ALA D 220 -22.11 -39.79 -19.36
C ALA D 220 -22.62 -39.78 -20.80
N ASN D 221 -23.31 -40.85 -21.17
CA ASN D 221 -23.75 -41.11 -22.55
C ASN D 221 -25.03 -40.32 -22.85
N SER D 222 -25.74 -39.89 -21.80
CA SER D 222 -27.04 -39.26 -21.96
C SER D 222 -27.41 -38.49 -20.69
N PRO D 223 -28.45 -37.64 -20.75
CA PRO D 223 -29.02 -37.00 -19.55
C PRO D 223 -29.48 -37.98 -18.45
N GLN D 224 -30.14 -39.08 -18.85
CA GLN D 224 -30.74 -40.02 -17.88
C GLN D 224 -29.66 -40.90 -17.25
N ASP D 225 -28.52 -41.07 -17.95
CA ASP D 225 -27.36 -41.85 -17.46
C ASP D 225 -26.67 -41.09 -16.32
N LEU D 226 -26.54 -39.77 -16.48
CA LEU D 226 -25.89 -38.88 -15.50
C LEU D 226 -26.80 -38.70 -14.27
N ARG D 227 -28.12 -38.72 -14.50
CA ARG D 227 -29.14 -38.58 -13.44
C ARG D 227 -28.97 -39.72 -12.44
N MET D 228 -28.91 -40.97 -12.95
CA MET D 228 -28.92 -42.17 -12.10
C MET D 228 -27.52 -42.40 -11.49
N PHE D 229 -26.46 -41.94 -12.17
CA PHE D 229 -25.10 -41.92 -11.62
C PHE D 229 -25.09 -41.12 -10.30
N TYR D 230 -25.54 -39.86 -10.39
CA TYR D 230 -25.54 -38.95 -9.25
C TYR D 230 -26.52 -39.43 -8.18
N GLU D 231 -27.67 -39.93 -8.64
CA GLU D 231 -28.79 -40.36 -7.78
C GLU D 231 -28.33 -41.49 -6.86
N LYS D 232 -27.52 -42.39 -7.39
CA LYS D 232 -27.08 -43.59 -6.69
C LYS D 232 -25.57 -43.51 -6.49
N ASN D 233 -25.11 -42.40 -5.90
CA ASN D 233 -23.69 -42.23 -5.49
C ASN D 233 -23.60 -41.12 -4.45
N ARG D 234 -23.85 -41.48 -3.18
CA ARG D 234 -24.15 -40.51 -2.14
C ARG D 234 -22.95 -39.60 -1.88
N SER D 235 -21.74 -40.11 -2.14
CA SER D 235 -20.51 -39.32 -2.07
C SER D 235 -19.64 -39.60 -3.30
N LEU D 236 -19.30 -38.54 -4.05
CA LEU D 236 -18.49 -38.62 -5.28
C LEU D 236 -17.12 -37.98 -5.03
N MET D 237 -16.07 -38.66 -5.49
CA MET D 237 -14.71 -38.15 -5.40
C MET D 237 -14.15 -38.05 -6.81
N PRO D 238 -13.75 -36.86 -7.29
CA PRO D 238 -13.15 -36.72 -8.61
C PRO D 238 -11.67 -37.13 -8.63
N SER D 239 -11.19 -37.66 -9.75
CA SER D 239 -9.78 -38.01 -9.87
C SER D 239 -8.93 -36.76 -10.02
N ILE D 240 -8.21 -36.39 -8.97
CA ILE D 240 -7.27 -35.25 -9.01
C ILE D 240 -5.87 -35.77 -9.38
N PRO D 241 -5.31 -35.37 -10.54
CA PRO D 241 -3.90 -35.64 -10.84
C PRO D 241 -2.98 -35.22 -9.68
N ARG D 242 -1.93 -36.01 -9.42
CA ARG D 242 -1.10 -35.81 -8.24
C ARG D 242 -0.18 -34.60 -8.42
N GLU D 243 -0.01 -34.14 -9.67
CA GLU D 243 0.79 -32.94 -10.02
C GLU D 243 0.09 -31.67 -9.54
N THR D 244 -1.23 -31.76 -9.33
CA THR D 244 -2.08 -30.63 -8.93
C THR D 244 -1.60 -30.02 -7.61
N SER D 245 -1.47 -28.69 -7.57
CA SER D 245 -1.02 -27.97 -6.38
C SER D 245 -2.00 -28.20 -5.22
N PRO D 246 -1.52 -28.18 -3.96
CA PRO D 246 -2.39 -28.46 -2.82
C PRO D 246 -3.62 -27.56 -2.75
N TYR D 247 -3.46 -26.27 -3.09
CA TYR D 247 -4.56 -25.31 -2.97
C TYR D 247 -5.63 -25.58 -4.03
N LEU D 248 -5.23 -25.83 -5.28
CA LEU D 248 -6.20 -26.11 -6.33
C LEU D 248 -6.96 -27.39 -6.01
N ALA D 249 -6.25 -28.39 -5.48
CA ALA D 249 -6.83 -29.67 -5.15
C ALA D 249 -7.85 -29.50 -4.03
N ASN D 250 -7.50 -28.71 -3.00
CA ASN D 250 -8.39 -28.44 -1.88
C ASN D 250 -9.67 -27.79 -2.41
N LEU D 251 -9.49 -26.83 -3.33
CA LEU D 251 -10.58 -26.07 -3.91
C LEU D 251 -11.53 -27.01 -4.67
N LEU D 252 -10.99 -27.84 -5.55
CA LEU D 252 -11.78 -28.75 -6.36
C LEU D 252 -12.55 -29.72 -5.47
N LEU D 253 -11.92 -30.22 -4.39
CA LEU D 253 -12.55 -31.22 -3.53
C LEU D 253 -13.74 -30.60 -2.80
N GLY D 254 -13.62 -29.30 -2.45
CA GLY D 254 -14.63 -28.59 -1.68
C GLY D 254 -15.79 -28.09 -2.54
N LEU D 255 -15.50 -27.85 -3.84
CA LEU D 255 -16.51 -27.46 -4.80
C LEU D 255 -17.28 -28.70 -5.28
N LEU D 256 -16.56 -29.80 -5.52
CA LEU D 256 -17.14 -30.99 -6.12
C LEU D 256 -17.64 -31.94 -5.04
N GLN D 257 -18.51 -31.41 -4.17
CA GLN D 257 -19.23 -32.18 -3.17
C GLN D 257 -20.67 -32.42 -3.63
N ARG D 258 -21.05 -33.69 -3.74
CA ARG D 258 -22.35 -34.12 -4.26
C ARG D 258 -23.48 -33.48 -3.44
N ASN D 259 -23.27 -33.35 -2.14
CA ASN D 259 -24.28 -32.82 -1.23
C ASN D 259 -23.94 -31.37 -0.89
N GLN D 260 -24.91 -30.48 -1.13
CA GLN D 260 -24.77 -29.03 -0.89
C GLN D 260 -24.49 -28.78 0.60
N LYS D 261 -25.04 -29.67 1.45
CA LYS D 261 -24.74 -29.78 2.87
C LYS D 261 -23.22 -29.70 3.11
N ASP D 262 -22.43 -30.40 2.28
CA ASP D 262 -20.99 -30.62 2.51
C ASP D 262 -20.11 -29.72 1.63
N ARG D 263 -20.73 -28.95 0.72
CA ARG D 263 -20.01 -28.21 -0.30
C ARG D 263 -19.55 -26.86 0.26
N MET D 264 -18.30 -26.51 -0.04
CA MET D 264 -17.75 -25.21 0.25
C MET D 264 -18.81 -24.13 -0.06
N ASP D 265 -19.00 -23.17 0.86
CA ASP D 265 -19.94 -22.06 0.63
C ASP D 265 -19.18 -20.86 0.04
N PHE D 266 -19.93 -19.84 -0.39
CA PHE D 266 -19.40 -18.80 -1.26
C PHE D 266 -18.24 -18.05 -0.59
N GLU D 267 -18.36 -17.79 0.70
CA GLU D 267 -17.41 -16.95 1.41
C GLU D 267 -16.04 -17.67 1.48
N ALA D 268 -16.07 -18.99 1.65
CA ALA D 268 -14.87 -19.82 1.60
C ALA D 268 -14.23 -19.77 0.22
N PHE D 269 -15.07 -19.80 -0.82
CA PHE D 269 -14.66 -19.80 -2.23
C PHE D 269 -14.02 -18.45 -2.61
N PHE D 270 -14.71 -17.33 -2.31
CA PHE D 270 -14.24 -15.98 -2.71
C PHE D 270 -12.87 -15.69 -2.10
N SER D 271 -12.64 -16.24 -0.90
CA SER D 271 -11.46 -15.91 -0.11
C SER D 271 -10.51 -17.11 -0.05
N HIS D 272 -10.63 -18.02 -1.02
CA HIS D 272 -9.85 -19.26 -0.99
C HIS D 272 -8.38 -18.95 -1.29
N PRO D 273 -7.43 -19.55 -0.55
CA PRO D 273 -6.00 -19.39 -0.80
C PRO D 273 -5.56 -19.44 -2.28
N PHE D 274 -6.16 -20.33 -3.07
CA PHE D 274 -5.80 -20.53 -4.46
C PHE D 274 -5.97 -19.25 -5.28
N LEU D 275 -6.87 -18.34 -4.86
CA LEU D 275 -7.25 -17.17 -5.65
C LEU D 275 -6.31 -15.98 -5.42
N GLU D 276 -5.23 -16.19 -4.65
CA GLU D 276 -4.36 -15.10 -4.19
C GLU D 276 -2.88 -15.48 -4.41
N GLN D 277 -2.49 -15.53 -5.69
CA GLN D 277 -1.11 -15.82 -6.12
C GLN D 277 -0.95 -15.37 -7.60
N GLY D 278 0.30 -15.45 -8.12
CA GLY D 278 0.61 -15.03 -9.49
C GLY D 278 0.36 -13.54 -9.69
C4 EDJ E . -22.36 20.17 5.02
C5 EDJ E . -21.87 19.82 3.76
C6 EDJ E . -22.78 19.18 2.93
N1 EDJ E . -24.03 18.92 3.30
N3 EDJ E . -23.58 19.91 5.43
CAB EDJ E . -30.55 19.25 6.20
OAR EDJ E . -29.76 19.75 7.27
CBA EDJ E . -28.41 19.53 7.22
CAL EDJ E . -27.69 19.42 6.05
CBE EDJ E . -27.78 19.43 8.45
OAT EDJ E . -28.50 19.51 9.62
CAD EDJ E . -28.44 20.78 10.27
CBB EDJ E . -26.40 19.24 8.50
OAS EDJ E . -25.84 19.21 9.75
CAC EDJ E . -24.47 19.55 9.87
CAM EDJ E . -25.67 19.12 7.33
CAW EDJ E . -26.33 19.20 6.11
NAQ EDJ E . -25.64 19.00 4.89
C2 EDJ E . -24.37 19.30 4.54
BR5 EDJ E . -20.12 20.17 3.10
OAU EDJ E . -21.48 20.78 5.86
CAZ EDJ E . -21.79 21.08 7.17
CAI EDJ E . -22.77 22.00 7.51
CAG EDJ E . -22.93 22.35 8.85
CAH EDJ E . -22.13 21.77 9.82
CAJ EDJ E . -21.17 20.84 9.47
CBC EDJ E . -20.97 20.50 8.13
CAV EDJ E . -19.84 19.58 7.82
OAE EDJ E . -18.97 19.92 7.01
NAP EDJ E . -19.84 18.39 8.41
CAA EDJ E . -18.67 17.87 9.09
C4 EDJ F . 17.83 28.50 -0.16
C5 EDJ F . 17.11 29.51 0.42
C6 EDJ F . 17.81 30.62 0.83
N1 EDJ F . 19.14 30.70 0.71
N3 EDJ F . 19.14 28.54 -0.31
CAB EDJ F . 25.72 29.99 -2.02
OAR EDJ F . 25.24 28.65 -2.20
CBA EDJ F . 24.06 28.31 -1.59
CAL EDJ F . 23.15 29.22 -1.08
CBE EDJ F . 23.79 26.95 -1.53
OAT EDJ F . 24.69 26.04 -2.06
CAD EDJ F . 24.39 25.59 -3.37
CBB EDJ F . 22.61 26.50 -0.94
OAS EDJ F . 22.33 25.17 -1.08
CAC EDJ F . 22.45 24.34 0.08
CAM EDJ F . 21.73 27.40 -0.39
CAW EDJ F . 21.99 28.77 -0.49
NAQ EDJ F . 21.09 29.72 0.03
C2 EDJ F . 19.73 29.65 0.14
BR5 EDJ F . 15.24 29.47 0.71
OAU EDJ F . 17.11 27.41 -0.56
CAZ EDJ F . 17.73 26.34 -1.16
CAI EDJ F . 18.37 26.49 -2.37
CAG EDJ F . 18.79 25.37 -3.06
CAH EDJ F . 18.58 24.11 -2.53
CAJ EDJ F . 17.98 23.97 -1.30
CBC EDJ F . 17.54 25.09 -0.59
CAV EDJ F . 16.79 24.82 0.68
OAE EDJ F . 15.63 25.17 0.81
NAP EDJ F . 17.46 24.19 1.65
CAA EDJ F . 16.96 24.13 3.01
C4 EDJ G . 17.54 -5.25 -2.75
C5 EDJ G . 17.43 -5.56 -4.08
C6 EDJ G . 16.15 -5.75 -4.55
N1 EDJ G . 15.07 -5.63 -3.78
N3 EDJ G . 16.50 -5.11 -1.93
CAB EDJ G . 16.89 -5.92 2.62
OAR EDJ G . 15.97 -4.84 2.78
CBA EDJ G . 14.97 -4.72 1.85
CAL EDJ G . 15.08 -5.11 0.52
CBE EDJ G . 13.79 -4.10 2.30
OAT EDJ G . 13.65 -3.77 3.63
CAD EDJ G . 14.13 -2.46 3.97
CBB EDJ G . 12.75 -3.86 1.41
OAS EDJ G . 11.66 -3.25 1.95
CAC EDJ G . 10.37 -3.64 1.48
CAM EDJ G . 12.88 -4.24 0.08
CAW EDJ G . 14.03 -4.85 -0.36
NAQ EDJ G . 14.18 -5.18 -1.73
C2 EDJ G . 15.30 -5.31 -2.50
BR5 EDJ G . 18.91 -5.72 -5.27
OAU EDJ G . 18.81 -5.00 -2.33
CAZ EDJ G . 19.08 -4.59 -1.04
CAI EDJ G . 18.46 -3.47 -0.50
CAG EDJ G . 18.82 -3.06 0.77
CAH EDJ G . 19.76 -3.75 1.49
CAJ EDJ G . 20.37 -4.87 0.95
CBC EDJ G . 20.06 -5.29 -0.33
CAV EDJ G . 20.85 -6.44 -0.88
OAE EDJ G . 21.85 -6.24 -1.57
NAP EDJ G . 20.40 -7.66 -0.60
CAA EDJ G . 20.61 -8.29 0.68
C4 EDJ H . -22.50 -14.08 -28.41
C5 EDJ H . -22.63 -12.90 -27.70
C6 EDJ H . -21.50 -12.13 -27.57
N1 EDJ H . -20.34 -12.47 -28.12
N3 EDJ H . -21.37 -14.46 -28.97
CAB EDJ H . -15.77 -14.74 -33.07
OAR EDJ H . -16.18 -16.00 -32.56
CBA EDJ H . -17.26 -16.04 -31.71
CAL EDJ H . -17.69 -14.96 -30.97
CBE EDJ H . -17.87 -17.28 -31.56
OAT EDJ H . -17.47 -18.35 -32.34
CAD EDJ H . -17.93 -18.34 -33.69
CBB EDJ H . -18.90 -17.43 -30.63
OAS EDJ H . -19.43 -18.69 -30.54
CAC EDJ H . -20.36 -18.95 -29.49
CAM EDJ H . -19.32 -16.36 -29.87
CAW EDJ H . -18.72 -15.11 -30.04
NAQ EDJ H . -19.12 -13.99 -29.30
C2 EDJ H . -20.33 -13.62 -28.78
BR5 EDJ H . -24.27 -12.29 -26.96
OAU EDJ H . -23.64 -14.84 -28.48
CAZ EDJ H . -23.66 -16.06 -29.12
CAI EDJ H . -23.39 -16.20 -30.47
CAG EDJ H . -23.53 -17.44 -31.07
CAH EDJ H . -23.93 -18.54 -30.32
CAJ EDJ H . -24.20 -18.39 -28.97
CBC EDJ H . -24.06 -17.15 -28.34
CAV EDJ H . -24.40 -17.07 -26.89
OAE EDJ H . -25.33 -16.35 -26.51
NAP EDJ H . -23.64 -17.78 -26.06
CAA EDJ H . -23.73 -17.64 -24.62
#